data_2W82
#
_entry.id   2W82
#
_cell.length_a   63.810
_cell.length_b   103.440
_cell.length_c   172.980
_cell.angle_alpha   90.00
_cell.angle_beta   90.00
_cell.angle_gamma   90.00
#
_symmetry.space_group_name_H-M   'P 21 21 21'
#
loop_
_entity.id
_entity.type
_entity.pdbx_description
1 polymer ORF18
2 water water
#
_entity_poly.entity_id   1
_entity_poly.type   'polypeptide(L)'
_entity_poly.pdbx_seq_one_letter_code
;MDDMQVYIANLGKYNEGELVGAWFTFPIDFEEVKEKIGLNDEYEEYAIHDYELPFTVDEYTSIGELNRLWEMVSELPEEL
QSELSALLTHFSSIEELSEHQEDIIIHSDCDDMYDVARYYIEETGALGEVPASLQNYIDYQAYGRDLDLSGTFISTNHGI
FEIVY
;
_entity_poly.pdbx_strand_id   A,B,C,D
#
# COMPACT_ATOMS: atom_id res chain seq x y z
N ASP A 3 -10.49 -53.44 -8.45
CA ASP A 3 -10.60 -51.97 -8.19
C ASP A 3 -11.87 -51.37 -8.81
N MET A 4 -12.25 -51.90 -9.97
CA MET A 4 -13.30 -51.29 -10.79
C MET A 4 -14.56 -52.15 -10.75
N GLN A 5 -15.66 -51.60 -10.25
CA GLN A 5 -16.93 -52.35 -10.15
C GLN A 5 -18.17 -51.46 -10.04
N VAL A 6 -19.32 -52.05 -10.36
CA VAL A 6 -20.62 -51.34 -10.37
C VAL A 6 -21.71 -52.16 -9.69
N TYR A 7 -22.64 -51.47 -9.02
CA TYR A 7 -23.78 -52.11 -8.35
C TYR A 7 -25.02 -51.97 -9.23
N ILE A 8 -25.53 -53.10 -9.73
CA ILE A 8 -26.67 -53.10 -10.65
C ILE A 8 -27.92 -53.67 -9.97
N ALA A 9 -28.99 -52.87 -9.94
CA ALA A 9 -30.24 -53.26 -9.29
C ALA A 9 -31.29 -53.63 -10.32
N ASN A 10 -32.08 -54.65 -10.00
CA ASN A 10 -33.27 -55.04 -10.77
C ASN A 10 -34.43 -54.18 -10.33
N LEU A 11 -34.88 -53.28 -11.20
CA LEU A 11 -35.89 -52.28 -10.84
C LEU A 11 -37.27 -52.89 -10.53
N GLY A 12 -37.51 -54.09 -11.02
CA GLY A 12 -38.81 -54.74 -10.87
C GLY A 12 -38.86 -55.86 -9.85
N LYS A 13 -37.70 -56.26 -9.33
CA LYS A 13 -37.64 -57.35 -8.37
C LYS A 13 -37.20 -56.83 -7.00
N TYR A 14 -38.10 -56.96 -6.03
CA TYR A 14 -37.83 -56.57 -4.66
C TYR A 14 -37.55 -57.81 -3.83
N ASN A 15 -36.73 -57.64 -2.81
CA ASN A 15 -36.55 -58.66 -1.80
C ASN A 15 -36.40 -58.02 -0.42
N GLU A 16 -37.39 -58.27 0.42
CA GLU A 16 -37.45 -57.72 1.78
C GLU A 16 -37.47 -56.19 1.77
N GLY A 17 -38.35 -55.64 0.95
CA GLY A 17 -38.55 -54.21 0.87
C GLY A 17 -37.39 -53.47 0.24
N GLU A 18 -36.51 -54.20 -0.42
CA GLU A 18 -35.35 -53.59 -1.06
C GLU A 18 -35.10 -54.25 -2.40
N LEU A 19 -34.80 -53.44 -3.41
CA LEU A 19 -34.56 -53.94 -4.74
C LEU A 19 -33.40 -54.94 -4.71
N VAL A 20 -33.52 -56.00 -5.51
CA VAL A 20 -32.47 -57.00 -5.63
C VAL A 20 -31.33 -56.41 -6.46
N GLY A 21 -30.11 -56.50 -5.93
CA GLY A 21 -28.92 -56.02 -6.63
C GLY A 21 -27.66 -56.74 -6.20
N ALA A 22 -26.55 -56.42 -6.85
CA ALA A 22 -25.26 -57.03 -6.56
C ALA A 22 -24.13 -56.23 -7.20
N TRP A 23 -22.92 -56.41 -6.68
CA TRP A 23 -21.73 -55.81 -7.26
C TRP A 23 -21.16 -56.70 -8.35
N PHE A 24 -20.67 -56.08 -9.41
CA PHE A 24 -20.10 -56.80 -10.55
C PHE A 24 -18.78 -56.19 -10.96
N THR A 25 -17.77 -57.03 -11.10
CA THR A 25 -16.45 -56.62 -11.58
C THR A 25 -16.40 -56.76 -13.10
N PHE A 26 -15.43 -56.09 -13.72
CA PHE A 26 -15.31 -56.08 -15.18
C PHE A 26 -14.47 -57.26 -15.69
N PRO A 27 -14.75 -57.72 -16.93
CA PRO A 27 -15.84 -57.28 -17.79
C PRO A 27 -17.16 -57.85 -17.29
N ILE A 28 -18.20 -57.00 -17.26
CA ILE A 28 -19.49 -57.38 -16.71
C ILE A 28 -20.20 -58.35 -17.66
N ASP A 29 -20.25 -59.61 -17.22
CA ASP A 29 -20.85 -60.69 -18.00
C ASP A 29 -22.37 -60.54 -17.94
N PHE A 30 -23.01 -60.41 -19.10
CA PHE A 30 -24.47 -60.25 -19.18
C PHE A 30 -25.21 -61.39 -18.50
N GLU A 31 -24.80 -62.62 -18.79
CA GLU A 31 -25.47 -63.79 -18.25
C GLU A 31 -25.35 -63.81 -16.74
N GLU A 32 -24.14 -63.55 -16.23
CA GLU A 32 -23.93 -63.46 -14.78
C GLU A 32 -24.94 -62.51 -14.14
N VAL A 33 -25.06 -61.31 -14.70
CA VAL A 33 -25.99 -60.30 -14.19
C VAL A 33 -27.42 -60.83 -14.16
N LYS A 34 -27.87 -61.32 -15.32
CA LYS A 34 -29.21 -61.88 -15.47
C LYS A 34 -29.49 -62.93 -14.39
N GLU A 35 -28.56 -63.86 -14.22
CA GLU A 35 -28.70 -64.95 -13.26
C GLU A 35 -28.72 -64.44 -11.81
N LYS A 36 -27.83 -63.48 -11.49
CA LYS A 36 -27.65 -63.02 -10.11
C LYS A 36 -28.82 -62.15 -9.60
N ILE A 37 -29.22 -61.15 -10.39
CA ILE A 37 -30.31 -60.25 -9.97
C ILE A 37 -31.66 -60.54 -10.65
N GLY A 38 -31.73 -61.62 -11.43
CA GLY A 38 -33.01 -62.15 -11.93
C GLY A 38 -33.71 -61.32 -12.99
N LEU A 39 -32.98 -60.87 -14.00
CA LEU A 39 -33.58 -60.14 -15.13
C LEU A 39 -34.27 -61.11 -16.08
N ASN A 40 -35.18 -60.57 -16.90
CA ASN A 40 -35.89 -61.37 -17.92
C ASN A 40 -35.00 -61.71 -19.12
N ASP A 41 -35.53 -62.53 -20.03
CA ASP A 41 -34.78 -63.01 -21.20
C ASP A 41 -34.27 -61.90 -22.13
N GLU A 42 -34.92 -60.73 -22.08
CA GLU A 42 -34.48 -59.58 -22.87
C GLU A 42 -33.59 -58.62 -22.07
N TYR A 43 -33.14 -59.07 -20.88
CA TYR A 43 -32.16 -58.34 -20.04
C TYR A 43 -32.68 -56.98 -19.54
N GLU A 44 -33.99 -56.87 -19.36
CA GLU A 44 -34.62 -55.58 -19.09
C GLU A 44 -34.96 -55.38 -17.62
N GLU A 45 -35.05 -54.10 -17.24
CA GLU A 45 -35.50 -53.65 -15.93
C GLU A 45 -34.35 -53.56 -14.92
N TYR A 46 -33.24 -52.95 -15.34
CA TYR A 46 -32.09 -52.74 -14.44
C TYR A 46 -31.52 -51.35 -14.52
N ALA A 47 -30.79 -50.96 -13.46
CA ALA A 47 -30.13 -49.67 -13.40
C ALA A 47 -28.94 -49.70 -12.44
N ILE A 48 -28.02 -48.77 -12.62
CA ILE A 48 -26.83 -48.69 -11.77
C ILE A 48 -27.12 -47.77 -10.58
N HIS A 49 -27.20 -48.37 -9.39
CA HIS A 49 -27.52 -47.61 -8.18
C HIS A 49 -26.30 -47.30 -7.31
N ASP A 50 -25.15 -47.85 -7.67
CA ASP A 50 -23.88 -47.48 -7.02
C ASP A 50 -22.72 -47.94 -7.90
N TYR A 51 -21.55 -47.35 -7.70
CA TYR A 51 -20.36 -47.75 -8.46
C TYR A 51 -19.06 -47.27 -7.85
N GLU A 52 -17.98 -48.00 -8.13
CA GLU A 52 -16.63 -47.58 -7.76
C GLU A 52 -15.78 -47.55 -9.03
N LEU A 53 -15.82 -46.40 -9.69
CA LEU A 53 -15.16 -46.19 -10.96
C LEU A 53 -14.38 -44.87 -10.90
N PRO A 54 -13.31 -44.74 -11.71
CA PRO A 54 -12.58 -43.48 -11.78
C PRO A 54 -13.23 -42.39 -12.67
N PHE A 55 -14.52 -42.53 -12.98
CA PHE A 55 -15.26 -41.52 -13.74
C PHE A 55 -16.76 -41.52 -13.42
N THR A 56 -17.46 -40.50 -13.90
CA THR A 56 -18.90 -40.34 -13.68
C THR A 56 -19.70 -41.20 -14.66
N VAL A 57 -20.80 -41.76 -14.18
CA VAL A 57 -21.67 -42.60 -14.99
C VAL A 57 -23.09 -42.49 -14.45
N ASP A 58 -24.07 -42.61 -15.35
CA ASP A 58 -25.48 -42.38 -14.99
C ASP A 58 -26.19 -43.64 -14.53
N GLU A 59 -27.30 -43.43 -13.82
CA GLU A 59 -28.16 -44.51 -13.33
C GLU A 59 -28.70 -45.35 -14.49
N TYR A 60 -28.92 -44.72 -15.64
CA TYR A 60 -29.46 -45.42 -16.80
C TYR A 60 -28.40 -45.79 -17.87
N THR A 61 -27.16 -45.98 -17.45
CA THR A 61 -26.08 -46.41 -18.35
C THR A 61 -26.11 -47.92 -18.52
N SER A 62 -26.07 -48.39 -19.76
CA SER A 62 -26.21 -49.82 -20.05
C SER A 62 -24.92 -50.62 -19.79
N ILE A 63 -25.11 -51.92 -19.56
CA ILE A 63 -24.00 -52.86 -19.38
C ILE A 63 -23.03 -52.82 -20.55
N GLY A 64 -23.59 -52.66 -21.75
CA GLY A 64 -22.79 -52.50 -22.97
C GLY A 64 -21.92 -51.26 -22.94
N GLU A 65 -22.49 -50.12 -22.53
CA GLU A 65 -21.72 -48.89 -22.42
C GLU A 65 -20.60 -49.05 -21.40
N LEU A 66 -20.92 -49.58 -20.23
CA LEU A 66 -19.92 -49.78 -19.18
C LEU A 66 -18.74 -50.62 -19.67
N ASN A 67 -19.03 -51.77 -20.25
CA ASN A 67 -17.98 -52.64 -20.80
C ASN A 67 -17.16 -51.95 -21.87
N ARG A 68 -17.80 -51.05 -22.62
CA ARG A 68 -17.11 -50.26 -23.63
C ARG A 68 -16.19 -49.22 -22.97
N LEU A 69 -16.62 -48.62 -21.87
CA LEU A 69 -15.79 -47.68 -21.12
C LEU A 69 -14.59 -48.39 -20.52
N TRP A 70 -14.82 -49.60 -20.01
CA TRP A 70 -13.75 -50.41 -19.45
C TRP A 70 -12.71 -50.76 -20.50
N GLU A 71 -13.17 -51.16 -21.68
CA GLU A 71 -12.27 -51.46 -22.79
C GLU A 71 -11.43 -50.25 -23.16
N MET A 72 -12.06 -49.08 -23.21
CA MET A 72 -11.39 -47.85 -23.63
C MET A 72 -10.32 -47.44 -22.64
N VAL A 73 -10.65 -47.50 -21.36
CA VAL A 73 -9.69 -47.18 -20.29
C VAL A 73 -8.53 -48.19 -20.27
N SER A 74 -8.84 -49.48 -20.37
CA SER A 74 -7.81 -50.53 -20.35
C SER A 74 -6.80 -50.40 -21.50
N GLU A 75 -7.23 -49.80 -22.60
CA GLU A 75 -6.42 -49.69 -23.81
C GLU A 75 -5.49 -48.47 -23.76
N LEU A 76 -5.79 -47.51 -22.89
CA LEU A 76 -4.93 -46.33 -22.71
C LEU A 76 -3.58 -46.73 -22.12
N PRO A 77 -2.55 -45.90 -22.34
CA PRO A 77 -1.28 -46.08 -21.64
C PRO A 77 -1.43 -45.99 -20.12
N GLU A 78 -0.58 -46.70 -19.38
CA GLU A 78 -0.71 -46.79 -17.91
C GLU A 78 -0.76 -45.42 -17.24
N GLU A 79 0.14 -44.53 -17.65
CA GLU A 79 0.24 -43.21 -17.02
C GLU A 79 -1.02 -42.36 -17.23
N LEU A 80 -1.70 -42.56 -18.35
CA LEU A 80 -3.00 -41.92 -18.57
C LEU A 80 -4.07 -42.58 -17.72
N GLN A 81 -3.99 -43.92 -17.57
CA GLN A 81 -4.95 -44.65 -16.75
C GLN A 81 -4.97 -44.13 -15.32
N SER A 82 -3.79 -43.95 -14.74
CA SER A 82 -3.69 -43.55 -13.35
C SER A 82 -3.95 -42.06 -13.10
N GLU A 83 -4.16 -41.29 -14.17
CA GLU A 83 -4.42 -39.86 -14.04
C GLU A 83 -5.68 -39.45 -14.80
N LEU A 84 -6.74 -40.25 -14.64
CA LEU A 84 -8.00 -39.99 -15.34
C LEU A 84 -8.71 -38.76 -14.81
N SER A 85 -8.73 -38.61 -13.48
CA SER A 85 -9.42 -37.50 -12.86
C SER A 85 -8.92 -36.16 -13.38
N ALA A 86 -7.60 -36.07 -13.62
CA ALA A 86 -6.98 -34.85 -14.15
C ALA A 86 -7.31 -34.65 -15.62
N LEU A 87 -7.30 -35.74 -16.39
CA LEU A 87 -7.60 -35.67 -17.82
C LEU A 87 -9.04 -35.24 -18.07
N LEU A 88 -9.97 -35.75 -17.25
CA LEU A 88 -11.39 -35.47 -17.41
C LEU A 88 -11.79 -34.07 -16.92
N THR A 89 -10.82 -33.28 -16.47
CA THR A 89 -11.05 -31.85 -16.25
C THR A 89 -10.80 -31.07 -17.53
N HIS A 90 -10.24 -31.75 -18.54
CA HIS A 90 -9.97 -31.16 -19.84
C HIS A 90 -10.89 -31.77 -20.91
N PHE A 91 -10.85 -33.09 -21.03
CA PHE A 91 -11.73 -33.81 -21.94
C PHE A 91 -13.07 -34.00 -21.28
N SER A 92 -14.15 -33.98 -22.07
CA SER A 92 -15.51 -34.05 -21.52
C SER A 92 -15.95 -35.48 -21.17
N SER A 93 -15.22 -36.50 -21.63
CA SER A 93 -15.62 -37.87 -21.41
C SER A 93 -14.51 -38.86 -21.72
N ILE A 94 -14.69 -40.11 -21.31
CA ILE A 94 -13.72 -41.17 -21.61
C ILE A 94 -13.71 -41.43 -23.11
N GLU A 95 -14.89 -41.32 -23.73
CA GLU A 95 -15.04 -41.44 -25.18
C GLU A 95 -14.12 -40.43 -25.89
N GLU A 96 -14.17 -39.17 -25.47
CA GLU A 96 -13.37 -38.13 -26.11
C GLU A 96 -11.88 -38.29 -25.83
N LEU A 97 -11.54 -38.70 -24.62
CA LEU A 97 -10.16 -38.97 -24.24
C LEU A 97 -9.57 -40.08 -25.12
N SER A 98 -10.33 -41.17 -25.25
CA SER A 98 -9.94 -42.30 -26.09
C SER A 98 -9.68 -41.87 -27.54
N GLU A 99 -10.60 -41.09 -28.11
CA GLU A 99 -10.47 -40.55 -29.47
C GLU A 99 -9.20 -39.72 -29.67
N HIS A 100 -8.88 -38.88 -28.69
CA HIS A 100 -7.76 -37.96 -28.79
C HIS A 100 -6.48 -38.45 -28.10
N GLN A 101 -6.45 -39.73 -27.69
CA GLN A 101 -5.31 -40.27 -26.92
C GLN A 101 -3.96 -40.18 -27.65
N GLU A 102 -3.96 -40.26 -28.97
CA GLU A 102 -2.72 -40.19 -29.75
C GLU A 102 -2.21 -38.75 -29.95
N ASP A 103 -2.98 -37.76 -29.49
CA ASP A 103 -2.56 -36.36 -29.50
C ASP A 103 -2.08 -35.90 -28.12
N ILE A 104 -2.04 -36.83 -27.16
CA ILE A 104 -1.51 -36.55 -25.83
C ILE A 104 -0.03 -36.95 -25.80
N ILE A 105 0.83 -36.01 -25.42
CA ILE A 105 2.26 -36.29 -25.21
C ILE A 105 2.52 -36.38 -23.72
N ILE A 106 3.07 -37.53 -23.29
CA ILE A 106 3.37 -37.79 -21.88
C ILE A 106 4.84 -37.48 -21.58
N HIS A 107 5.09 -36.32 -21.00
CA HIS A 107 6.43 -35.97 -20.53
C HIS A 107 6.65 -36.56 -19.15
N SER A 108 6.92 -37.87 -19.11
CA SER A 108 6.95 -38.62 -17.85
C SER A 108 8.09 -38.19 -16.92
N ASP A 109 9.18 -37.74 -17.53
CA ASP A 109 10.39 -37.34 -16.79
C ASP A 109 10.38 -35.87 -16.31
N CYS A 110 9.31 -35.13 -16.61
CA CYS A 110 9.21 -33.71 -16.28
C CYS A 110 8.28 -33.41 -15.10
N ASP A 111 8.78 -32.61 -14.15
CA ASP A 111 8.03 -32.24 -12.95
C ASP A 111 7.36 -30.86 -13.07
N ASP A 112 7.90 -30.00 -13.95
CA ASP A 112 7.31 -28.68 -14.18
C ASP A 112 7.67 -28.16 -15.56
N MET A 113 7.19 -26.97 -15.91
CA MET A 113 7.36 -26.44 -17.26
C MET A 113 8.80 -26.10 -17.62
N TYR A 114 9.63 -25.85 -16.62
CA TYR A 114 11.07 -25.65 -16.85
C TYR A 114 11.65 -26.90 -17.50
N ASP A 115 11.33 -28.06 -16.91
CA ASP A 115 11.80 -29.34 -17.43
C ASP A 115 11.29 -29.61 -18.84
N VAL A 116 10.07 -29.14 -19.13
CA VAL A 116 9.48 -29.29 -20.46
C VAL A 116 10.18 -28.40 -21.49
N ALA A 117 10.45 -27.16 -21.11
CA ALA A 117 11.20 -26.22 -21.96
C ALA A 117 12.60 -26.73 -22.26
N ARG A 118 13.28 -27.18 -21.22
CA ARG A 118 14.61 -27.80 -21.30
C ARG A 118 14.63 -28.93 -22.34
N TYR A 119 13.62 -29.79 -22.30
CA TYR A 119 13.51 -30.93 -23.21
C TYR A 119 13.31 -30.48 -24.66
N TYR A 120 12.41 -29.53 -24.89
CA TYR A 120 12.13 -29.08 -26.25
C TYR A 120 13.33 -28.35 -26.89
N ILE A 121 14.02 -27.54 -26.11
CA ILE A 121 15.17 -26.80 -26.63
C ILE A 121 16.38 -27.72 -26.85
N GLU A 122 16.71 -28.53 -25.84
CA GLU A 122 17.93 -29.35 -25.88
C GLU A 122 17.77 -30.68 -26.62
N GLU A 123 16.67 -31.38 -26.35
CA GLU A 123 16.44 -32.73 -26.89
C GLU A 123 15.74 -32.73 -28.25
N THR A 124 14.94 -31.69 -28.51
CA THR A 124 14.10 -31.61 -29.71
C THR A 124 14.62 -30.66 -30.78
N GLY A 125 15.27 -29.57 -30.36
CA GLY A 125 15.71 -28.55 -31.31
C GLY A 125 14.54 -27.73 -31.83
N ALA A 126 13.58 -27.45 -30.95
CA ALA A 126 12.39 -26.69 -31.33
C ALA A 126 12.71 -25.24 -31.72
N LEU A 127 13.87 -24.73 -31.29
CA LEU A 127 14.31 -23.38 -31.65
C LEU A 127 15.66 -23.39 -32.37
N GLY A 128 16.04 -24.54 -32.93
CA GLY A 128 17.31 -24.67 -33.66
C GLY A 128 18.47 -25.17 -32.81
N GLU A 129 19.64 -25.26 -33.43
CA GLU A 129 20.84 -25.86 -32.82
C GLU A 129 21.33 -25.06 -31.62
N VAL A 130 21.16 -25.60 -30.41
CA VAL A 130 21.67 -24.97 -29.20
C VAL A 130 23.03 -25.57 -28.84
N PRO A 131 24.13 -24.79 -29.01
CA PRO A 131 25.46 -25.30 -28.71
C PRO A 131 25.72 -25.54 -27.21
N ALA A 132 26.89 -26.11 -26.92
CA ALA A 132 27.26 -26.54 -25.56
C ALA A 132 27.24 -25.42 -24.53
N SER A 133 28.15 -24.45 -24.71
CA SER A 133 28.32 -23.36 -23.74
C SER A 133 27.08 -22.48 -23.59
N LEU A 134 26.35 -22.26 -24.69
CA LEU A 134 25.16 -21.40 -24.69
C LEU A 134 24.03 -21.95 -23.81
N GLN A 135 23.92 -23.28 -23.75
CA GLN A 135 22.88 -23.96 -22.96
C GLN A 135 22.82 -23.47 -21.50
N ASN A 136 23.96 -23.05 -20.96
CA ASN A 136 24.04 -22.63 -19.56
C ASN A 136 23.45 -21.22 -19.30
N TYR A 137 23.03 -20.52 -20.36
CA TYR A 137 22.48 -19.16 -20.24
C TYR A 137 21.15 -18.97 -20.96
N ILE A 138 20.41 -20.07 -21.15
CA ILE A 138 19.08 -19.98 -21.77
C ILE A 138 18.03 -19.88 -20.67
N ASP A 139 17.07 -18.99 -20.87
CA ASP A 139 16.01 -18.76 -19.89
C ASP A 139 14.87 -19.76 -20.11
N TYR A 140 15.02 -20.96 -19.55
CA TYR A 140 14.04 -22.03 -19.75
C TYR A 140 12.72 -21.77 -19.02
N GLN A 141 12.77 -21.14 -17.85
CA GLN A 141 11.54 -20.73 -17.13
C GLN A 141 10.70 -19.83 -18.04
N ALA A 142 11.35 -18.89 -18.72
CA ALA A 142 10.68 -17.99 -19.63
C ALA A 142 10.00 -18.75 -20.78
N TYR A 143 10.71 -19.72 -21.36
CA TYR A 143 10.16 -20.50 -22.48
C TYR A 143 9.02 -21.41 -22.06
N GLY A 144 9.16 -22.05 -20.90
CA GLY A 144 8.12 -22.91 -20.36
C GLY A 144 6.85 -22.13 -20.01
N ARG A 145 7.02 -20.89 -19.58
CA ARG A 145 5.89 -20.04 -19.28
C ARG A 145 5.15 -19.67 -20.56
N ASP A 146 5.90 -19.32 -21.60
CA ASP A 146 5.32 -19.04 -22.91
C ASP A 146 4.58 -20.25 -23.49
N LEU A 147 5.14 -21.45 -23.34
CA LEU A 147 4.47 -22.66 -23.81
C LEU A 147 3.16 -22.87 -23.04
N ASP A 148 3.20 -22.69 -21.72
CA ASP A 148 2.02 -22.89 -20.88
C ASP A 148 0.94 -21.87 -21.19
N LEU A 149 1.33 -20.62 -21.43
CA LEU A 149 0.38 -19.53 -21.76
C LEU A 149 -0.36 -19.73 -23.09
N SER A 150 0.27 -20.44 -24.03
CA SER A 150 -0.29 -20.63 -25.38
C SER A 150 -0.64 -22.08 -25.73
N GLY A 151 -0.06 -23.04 -25.02
CA GLY A 151 -0.34 -24.46 -25.25
C GLY A 151 -1.26 -25.04 -24.17
N THR A 152 -1.42 -26.35 -24.19
CA THR A 152 -2.22 -27.05 -23.19
C THR A 152 -1.36 -28.10 -22.52
N PHE A 153 -1.00 -27.85 -21.26
CA PHE A 153 -0.17 -28.75 -20.47
C PHE A 153 -0.86 -29.02 -19.13
N ILE A 154 -0.93 -30.28 -18.73
CA ILE A 154 -1.56 -30.67 -17.47
C ILE A 154 -0.49 -31.28 -16.56
N SER A 155 -0.37 -30.75 -15.34
CA SER A 155 0.56 -31.30 -14.35
C SER A 155 -0.10 -32.43 -13.60
N THR A 156 0.59 -33.56 -13.51
CA THR A 156 0.10 -34.73 -12.78
C THR A 156 1.24 -35.39 -12.02
N ASN A 157 0.91 -36.35 -11.16
CA ASN A 157 1.92 -37.08 -10.40
C ASN A 157 2.73 -38.04 -11.26
N HIS A 158 2.23 -38.36 -12.45
CA HIS A 158 2.94 -39.20 -13.40
C HIS A 158 3.53 -38.36 -14.54
N GLY A 159 3.67 -37.06 -14.31
CA GLY A 159 4.34 -36.15 -15.25
C GLY A 159 3.46 -35.04 -15.80
N ILE A 160 3.99 -34.33 -16.78
CA ILE A 160 3.26 -33.29 -17.50
C ILE A 160 2.68 -33.89 -18.78
N PHE A 161 1.36 -33.78 -18.97
CA PHE A 161 0.73 -34.21 -20.20
C PHE A 161 0.49 -33.00 -21.10
N GLU A 162 0.89 -33.10 -22.36
CA GLU A 162 0.66 -32.03 -23.32
C GLU A 162 -0.33 -32.48 -24.37
N ILE A 163 -1.36 -31.68 -24.63
CA ILE A 163 -2.32 -31.97 -25.69
C ILE A 163 -1.98 -31.10 -26.90
N VAL A 164 -1.77 -31.74 -28.03
CA VAL A 164 -1.30 -31.08 -29.23
C VAL A 164 -2.34 -31.23 -30.34
N TYR A 165 -2.46 -30.24 -31.23
CA TYR A 165 -3.35 -30.37 -32.37
C TYR A 165 -2.85 -31.48 -33.31
N ASP B 3 46.77 19.20 -20.35
CA ASP B 3 45.94 19.35 -19.12
C ASP B 3 46.67 18.86 -17.86
N MET B 4 47.82 18.25 -18.06
CA MET B 4 48.63 17.74 -16.96
C MET B 4 49.48 18.90 -16.41
N GLN B 5 49.33 19.20 -15.13
CA GLN B 5 50.05 20.32 -14.51
C GLN B 5 50.14 20.25 -12.97
N VAL B 6 51.17 20.87 -12.42
CA VAL B 6 51.43 20.87 -10.97
C VAL B 6 51.72 22.29 -10.48
N TYR B 7 51.38 22.54 -9.21
CA TYR B 7 51.66 23.83 -8.57
C TYR B 7 52.75 23.65 -7.54
N ILE B 8 53.92 24.22 -7.83
CA ILE B 8 55.12 24.06 -6.99
C ILE B 8 55.39 25.34 -6.24
N ALA B 9 55.45 25.24 -4.91
CA ALA B 9 55.65 26.39 -4.04
C ALA B 9 57.05 26.39 -3.45
N ASN B 10 57.54 27.59 -3.12
CA ASN B 10 58.77 27.76 -2.38
C ASN B 10 58.52 27.48 -0.90
N LEU B 11 59.19 26.46 -0.37
CA LEU B 11 59.01 26.01 1.01
C LEU B 11 59.68 26.97 2.00
N GLY B 12 60.75 27.63 1.55
CA GLY B 12 61.45 28.62 2.38
C GLY B 12 60.63 29.87 2.64
N LYS B 13 59.68 30.16 1.75
CA LYS B 13 58.77 31.29 1.91
C LYS B 13 57.42 30.88 2.50
N TYR B 14 56.93 29.69 2.13
CA TYR B 14 55.63 29.20 2.60
C TYR B 14 55.60 28.93 4.11
N ASN B 15 56.66 28.31 4.63
CA ASN B 15 56.78 28.03 6.08
C ASN B 15 56.64 29.28 6.93
N GLU B 16 57.11 30.40 6.40
CA GLU B 16 57.02 31.69 7.08
C GLU B 16 55.60 32.24 7.02
N GLY B 17 54.93 32.06 5.88
CA GLY B 17 53.56 32.55 5.69
C GLY B 17 53.26 33.00 4.27
N GLU B 18 54.27 33.54 3.59
CA GLU B 18 54.11 34.11 2.25
C GLU B 18 53.95 33.02 1.17
N LEU B 19 52.88 33.14 0.39
CA LEU B 19 52.56 32.19 -0.68
C LEU B 19 53.28 32.59 -1.96
N VAL B 20 54.37 31.87 -2.29
CA VAL B 20 55.08 32.08 -3.54
C VAL B 20 55.21 30.74 -4.28
N GLY B 21 54.40 30.59 -5.33
CA GLY B 21 54.43 29.40 -6.17
C GLY B 21 53.95 29.71 -7.59
N ALA B 22 53.68 28.67 -8.35
CA ALA B 22 53.22 28.81 -9.73
C ALA B 22 52.75 27.47 -10.31
N TRP B 23 51.82 27.53 -11.25
CA TRP B 23 51.39 26.35 -11.98
C TRP B 23 52.38 26.10 -13.11
N PHE B 24 52.91 24.88 -13.17
CA PHE B 24 53.82 24.49 -14.23
C PHE B 24 53.21 23.35 -15.02
N THR B 25 53.39 23.39 -16.34
CA THR B 25 53.00 22.30 -17.22
C THR B 25 54.23 21.44 -17.55
N PHE B 26 54.00 20.34 -18.27
CA PHE B 26 55.06 19.39 -18.55
C PHE B 26 55.61 19.56 -19.97
N PRO B 27 56.90 19.23 -20.16
CA PRO B 27 57.84 18.74 -19.14
C PRO B 27 58.33 19.89 -18.26
N ILE B 28 58.37 19.66 -16.94
CA ILE B 28 58.72 20.73 -16.01
C ILE B 28 60.21 20.94 -16.08
N ASP B 29 60.62 22.16 -16.45
CA ASP B 29 62.04 22.47 -16.57
C ASP B 29 62.52 23.23 -15.34
N PHE B 30 63.65 22.77 -14.80
CA PHE B 30 64.10 23.16 -13.46
C PHE B 30 64.46 24.65 -13.43
N GLU B 31 65.05 25.16 -14.51
CA GLU B 31 65.47 26.56 -14.57
C GLU B 31 64.27 27.50 -14.55
N GLU B 32 63.16 27.09 -15.17
CA GLU B 32 61.93 27.86 -15.16
C GLU B 32 61.35 27.95 -13.74
N VAL B 33 61.34 26.83 -13.03
CA VAL B 33 60.87 26.79 -11.64
C VAL B 33 61.77 27.65 -10.75
N LYS B 34 63.08 27.44 -10.88
CA LYS B 34 64.07 28.21 -10.13
C LYS B 34 63.82 29.71 -10.27
N GLU B 35 63.63 30.17 -11.51
CA GLU B 35 63.33 31.57 -11.80
C GLU B 35 61.96 32.03 -11.30
N LYS B 36 60.93 31.20 -11.47
CA LYS B 36 59.54 31.62 -11.19
C LYS B 36 59.22 31.76 -9.70
N ILE B 37 59.73 30.84 -8.88
CA ILE B 37 59.41 30.85 -7.44
C ILE B 37 60.61 31.17 -6.53
N GLY B 38 61.72 31.56 -7.14
CA GLY B 38 62.87 32.09 -6.39
C GLY B 38 63.64 31.08 -5.55
N LEU B 39 64.09 30.00 -6.18
CA LEU B 39 64.92 29.00 -5.52
C LEU B 39 66.39 29.35 -5.64
N ASN B 40 67.25 28.50 -5.08
CA ASN B 40 68.71 28.69 -5.10
C ASN B 40 69.41 27.72 -6.08
N ASP B 41 70.73 27.85 -6.21
CA ASP B 41 71.54 27.01 -7.12
C ASP B 41 71.26 25.51 -7.02
N GLU B 42 70.98 25.03 -5.81
CA GLU B 42 70.72 23.62 -5.55
C GLU B 42 69.29 23.18 -5.89
N TYR B 43 68.43 24.12 -6.31
CA TYR B 43 66.99 23.86 -6.54
C TYR B 43 66.35 23.37 -5.24
N GLU B 44 66.70 24.06 -4.14
CA GLU B 44 66.46 23.57 -2.78
C GLU B 44 65.16 24.10 -2.17
N GLU B 45 64.47 23.20 -1.48
CA GLU B 45 63.24 23.48 -0.72
C GLU B 45 62.09 23.95 -1.59
N TYR B 46 61.52 23.01 -2.34
CA TYR B 46 60.23 23.19 -3.00
C TYR B 46 59.33 22.02 -2.59
N ALA B 47 58.03 22.26 -2.61
CA ALA B 47 57.04 21.23 -2.35
C ALA B 47 55.87 21.40 -3.31
N ILE B 48 55.13 20.31 -3.54
CA ILE B 48 53.94 20.35 -4.40
C ILE B 48 52.71 20.58 -3.54
N HIS B 49 52.11 21.76 -3.65
CA HIS B 49 50.95 22.12 -2.83
C HIS B 49 49.61 22.03 -3.56
N ASP B 50 49.65 21.85 -4.88
CA ASP B 50 48.43 21.53 -5.64
C ASP B 50 48.81 20.91 -6.98
N TYR B 51 47.87 20.18 -7.58
CA TYR B 51 48.10 19.57 -8.90
C TYR B 51 46.82 19.17 -9.63
N GLU B 52 46.99 18.94 -10.93
CA GLU B 52 45.94 18.39 -11.78
C GLU B 52 46.60 17.27 -12.60
N LEU B 53 46.52 16.04 -12.07
CA LEU B 53 47.15 14.87 -12.68
C LEU B 53 46.20 13.68 -12.62
N PRO B 54 46.46 12.64 -13.43
CA PRO B 54 45.65 11.42 -13.37
C PRO B 54 46.12 10.40 -12.32
N PHE B 55 47.03 10.80 -11.44
CA PHE B 55 47.52 9.94 -10.35
C PHE B 55 47.86 10.77 -9.11
N THR B 56 47.98 10.10 -7.97
CA THR B 56 48.33 10.76 -6.70
C THR B 56 49.80 11.20 -6.69
N VAL B 57 50.09 12.23 -5.91
CA VAL B 57 51.46 12.72 -5.72
C VAL B 57 51.61 13.28 -4.31
N ASP B 58 52.82 13.20 -3.75
CA ASP B 58 53.11 13.74 -2.42
C ASP B 58 53.60 15.19 -2.52
N GLU B 59 53.57 15.89 -1.38
CA GLU B 59 54.18 17.22 -1.27
C GLU B 59 55.67 17.18 -1.58
N TYR B 60 56.32 16.08 -1.18
CA TYR B 60 57.77 15.95 -1.31
C TYR B 60 58.22 15.15 -2.55
N THR B 61 57.35 15.05 -3.56
CA THR B 61 57.71 14.37 -4.80
C THR B 61 58.54 15.31 -5.65
N SER B 62 59.71 14.83 -6.08
CA SER B 62 60.65 15.67 -6.81
C SER B 62 60.17 15.96 -8.22
N ILE B 63 60.71 17.03 -8.80
CA ILE B 63 60.47 17.38 -10.19
C ILE B 63 60.91 16.24 -11.11
N GLY B 64 62.02 15.59 -10.77
CA GLY B 64 62.52 14.46 -11.52
C GLY B 64 61.55 13.30 -11.54
N GLU B 65 60.90 13.02 -10.40
CA GLU B 65 59.88 11.98 -10.35
C GLU B 65 58.74 12.33 -11.29
N LEU B 66 58.28 13.58 -11.22
CA LEU B 66 57.13 14.00 -12.01
C LEU B 66 57.40 13.87 -13.51
N ASN B 67 58.53 14.43 -13.96
CA ASN B 67 58.94 14.34 -15.35
C ASN B 67 59.09 12.91 -15.85
N ARG B 68 59.53 12.03 -14.97
CA ARG B 68 59.70 10.62 -15.31
C ARG B 68 58.34 9.94 -15.54
N LEU B 69 57.39 10.23 -14.66
CA LEU B 69 56.03 9.70 -14.79
C LEU B 69 55.37 10.25 -16.06
N TRP B 70 55.63 11.52 -16.36
CA TRP B 70 55.17 12.13 -17.61
C TRP B 70 55.72 11.41 -18.84
N GLU B 71 57.00 11.04 -18.81
CA GLU B 71 57.60 10.30 -19.93
C GLU B 71 56.86 8.99 -20.14
N MET B 72 56.68 8.24 -19.06
CA MET B 72 56.03 6.93 -19.11
C MET B 72 54.61 7.05 -19.65
N VAL B 73 53.89 8.06 -19.18
CA VAL B 73 52.53 8.33 -19.67
C VAL B 73 52.52 8.65 -21.17
N SER B 74 53.54 9.36 -21.64
CA SER B 74 53.65 9.73 -23.06
C SER B 74 53.92 8.55 -23.99
N GLU B 75 54.59 7.52 -23.48
CA GLU B 75 54.90 6.33 -24.30
C GLU B 75 53.65 5.48 -24.55
N LEU B 76 52.64 5.63 -23.69
CA LEU B 76 51.38 4.89 -23.84
C LEU B 76 50.60 5.33 -25.08
N PRO B 77 49.83 4.41 -25.68
CA PRO B 77 48.86 4.76 -26.72
C PRO B 77 47.86 5.81 -26.24
N GLU B 78 47.42 6.70 -27.13
CA GLU B 78 46.54 7.80 -26.75
C GLU B 78 45.21 7.33 -26.14
N GLU B 79 44.73 6.16 -26.56
CA GLU B 79 43.48 5.59 -26.03
C GLU B 79 43.59 5.33 -24.52
N LEU B 80 44.77 4.91 -24.07
CA LEU B 80 44.99 4.62 -22.65
C LEU B 80 45.23 5.90 -21.84
N GLN B 81 45.92 6.87 -22.44
CA GLN B 81 46.21 8.16 -21.78
C GLN B 81 44.94 8.94 -21.41
N SER B 82 43.92 8.86 -22.26
CA SER B 82 42.68 9.60 -22.03
C SER B 82 41.79 8.98 -20.95
N GLU B 83 42.09 7.75 -20.54
CA GLU B 83 41.41 7.12 -19.41
C GLU B 83 42.42 6.52 -18.43
N LEU B 84 43.51 7.24 -18.23
CA LEU B 84 44.62 6.78 -17.39
C LEU B 84 44.21 6.69 -15.92
N SER B 85 43.50 7.70 -15.45
CA SER B 85 43.08 7.75 -14.07
C SER B 85 42.24 6.54 -13.69
N ALA B 86 41.33 6.15 -14.57
CA ALA B 86 40.50 4.97 -14.35
C ALA B 86 41.33 3.69 -14.36
N LEU B 87 42.29 3.62 -15.29
CA LEU B 87 43.12 2.42 -15.43
C LEU B 87 44.03 2.24 -14.22
N LEU B 88 44.55 3.35 -13.70
CA LEU B 88 45.41 3.30 -12.50
C LEU B 88 44.63 2.98 -11.21
N THR B 89 43.35 2.66 -11.31
CA THR B 89 42.61 2.14 -10.17
C THR B 89 42.85 0.64 -10.04
N HIS B 90 42.88 -0.08 -11.16
CA HIS B 90 43.21 -1.52 -11.15
C HIS B 90 44.71 -1.70 -11.05
N PHE B 91 45.42 -1.24 -12.07
CA PHE B 91 46.88 -1.19 -12.05
C PHE B 91 47.19 -0.14 -11.02
N SER B 92 48.07 -0.40 -10.09
CA SER B 92 48.30 0.58 -9.04
C SER B 92 49.46 1.53 -9.38
N SER B 93 50.06 1.39 -10.56
CA SER B 93 51.21 2.17 -10.97
C SER B 93 51.31 2.23 -12.49
N ILE B 94 51.91 3.30 -13.01
CA ILE B 94 52.12 3.42 -14.46
C ILE B 94 53.07 2.33 -14.95
N GLU B 95 54.02 1.98 -14.11
CA GLU B 95 54.94 0.86 -14.36
C GLU B 95 54.13 -0.37 -14.77
N GLU B 96 53.15 -0.72 -13.95
CA GLU B 96 52.32 -1.92 -14.15
C GLU B 96 51.42 -1.82 -15.40
N LEU B 97 50.79 -0.65 -15.59
CA LEU B 97 49.93 -0.39 -16.75
C LEU B 97 50.69 -0.58 -18.07
N SER B 98 51.88 0.01 -18.14
CA SER B 98 52.73 -0.13 -19.32
C SER B 98 53.17 -1.58 -19.52
N GLU B 99 53.40 -2.29 -18.42
CA GLU B 99 53.81 -3.68 -18.46
C GLU B 99 52.76 -4.55 -19.17
N HIS B 100 51.49 -4.31 -18.87
CA HIS B 100 50.39 -5.10 -19.44
C HIS B 100 49.53 -4.31 -20.42
N GLN B 101 50.09 -3.26 -21.02
CA GLN B 101 49.31 -2.37 -21.91
C GLN B 101 48.57 -3.11 -23.02
N GLU B 102 49.18 -4.16 -23.57
CA GLU B 102 48.58 -4.89 -24.69
C GLU B 102 47.54 -5.95 -24.27
N ASP B 103 47.33 -6.10 -22.97
CA ASP B 103 46.30 -7.02 -22.47
C ASP B 103 44.99 -6.28 -22.15
N ILE B 104 44.71 -5.21 -22.90
CA ILE B 104 43.53 -4.37 -22.66
C ILE B 104 42.68 -4.29 -23.92
N ILE B 105 41.37 -4.43 -23.75
CA ILE B 105 40.42 -4.37 -24.86
C ILE B 105 39.43 -3.23 -24.61
N ILE B 106 39.35 -2.30 -25.56
CA ILE B 106 38.45 -1.16 -25.45
C ILE B 106 37.12 -1.40 -26.17
N HIS B 107 36.09 -1.79 -25.41
CA HIS B 107 34.74 -1.92 -25.95
C HIS B 107 34.13 -0.53 -26.07
N SER B 108 34.35 0.10 -27.21
CA SER B 108 34.08 1.53 -27.41
C SER B 108 32.60 1.94 -27.30
N ASP B 109 31.70 1.08 -27.76
CA ASP B 109 30.27 1.40 -27.81
C ASP B 109 29.45 0.66 -26.74
N CYS B 110 30.09 0.31 -25.62
CA CYS B 110 29.43 -0.38 -24.50
C CYS B 110 29.32 0.55 -23.29
N ASP B 111 28.12 0.63 -22.71
CA ASP B 111 27.87 1.44 -21.53
C ASP B 111 27.70 0.61 -20.24
N ASP B 112 27.52 -0.70 -20.39
CA ASP B 112 27.44 -1.60 -19.24
C ASP B 112 27.71 -3.05 -19.64
N MET B 113 27.70 -3.94 -18.66
CA MET B 113 28.01 -5.36 -18.90
C MET B 113 27.01 -6.05 -19.83
N TYR B 114 25.75 -5.59 -19.84
CA TYR B 114 24.77 -6.09 -20.78
C TYR B 114 25.24 -5.84 -22.22
N ASP B 115 25.69 -4.62 -22.50
CA ASP B 115 26.24 -4.27 -23.82
C ASP B 115 27.45 -5.12 -24.18
N VAL B 116 28.29 -5.42 -23.19
CA VAL B 116 29.46 -6.26 -23.38
C VAL B 116 29.06 -7.71 -23.63
N ALA B 117 28.05 -8.18 -22.90
CA ALA B 117 27.54 -9.54 -23.08
C ALA B 117 26.95 -9.72 -24.48
N ARG B 118 26.15 -8.74 -24.89
CA ARG B 118 25.48 -8.78 -26.20
C ARG B 118 26.50 -8.71 -27.35
N TYR B 119 27.60 -8.01 -27.13
CA TYR B 119 28.67 -7.94 -28.12
C TYR B 119 29.33 -9.29 -28.36
N TYR B 120 29.77 -9.95 -27.29
CA TYR B 120 30.48 -11.23 -27.39
C TYR B 120 29.59 -12.35 -27.96
N ILE B 121 28.30 -12.32 -27.64
CA ILE B 121 27.38 -13.35 -28.11
C ILE B 121 27.01 -13.12 -29.58
N GLU B 122 26.56 -11.90 -29.90
CA GLU B 122 26.06 -11.60 -31.24
C GLU B 122 27.16 -11.44 -32.28
N GLU B 123 27.98 -10.40 -32.13
CA GLU B 123 28.95 -10.04 -33.17
C GLU B 123 30.36 -10.64 -33.00
N THR B 124 30.54 -11.52 -32.02
CA THR B 124 31.78 -12.28 -31.86
C THR B 124 31.59 -13.78 -32.04
N GLY B 125 30.42 -14.30 -31.68
CA GLY B 125 30.16 -15.74 -31.75
C GLY B 125 30.91 -16.48 -30.67
N ALA B 126 30.94 -15.90 -29.47
CA ALA B 126 31.70 -16.45 -28.33
C ALA B 126 31.14 -17.78 -27.83
N LEU B 127 29.88 -18.05 -28.16
CA LEU B 127 29.22 -19.29 -27.75
C LEU B 127 28.63 -20.04 -28.95
N GLY B 128 29.26 -19.89 -30.12
CA GLY B 128 28.75 -20.46 -31.37
C GLY B 128 27.57 -19.68 -31.91
N GLU B 129 27.10 -20.04 -33.11
CA GLU B 129 26.00 -19.32 -33.74
C GLU B 129 24.72 -19.46 -32.91
N VAL B 130 23.95 -18.37 -32.86
CA VAL B 130 22.69 -18.35 -32.13
C VAL B 130 21.53 -18.30 -33.13
N PRO B 131 20.57 -19.23 -33.01
CA PRO B 131 19.39 -19.16 -33.88
C PRO B 131 18.55 -17.90 -33.63
N ALA B 132 17.63 -17.62 -34.56
CA ALA B 132 16.75 -16.46 -34.47
C ALA B 132 15.72 -16.64 -33.35
N SER B 133 15.00 -17.75 -33.39
CA SER B 133 13.94 -18.03 -32.41
C SER B 133 14.45 -18.09 -30.97
N LEU B 134 15.73 -18.39 -30.78
CA LEU B 134 16.31 -18.55 -29.45
C LEU B 134 16.75 -17.23 -28.81
N GLN B 135 16.92 -16.19 -29.64
CA GLN B 135 17.52 -14.92 -29.20
C GLN B 135 16.76 -14.25 -28.06
N ASN B 136 15.44 -14.34 -28.07
CA ASN B 136 14.61 -13.72 -27.03
C ASN B 136 14.64 -14.47 -25.69
N TYR B 137 15.35 -15.60 -25.62
CA TYR B 137 15.48 -16.36 -24.39
C TYR B 137 16.91 -16.40 -23.84
N ILE B 138 17.84 -15.74 -24.52
CA ILE B 138 19.23 -15.65 -24.03
C ILE B 138 19.30 -14.57 -22.96
N ASP B 139 19.71 -14.96 -21.75
CA ASP B 139 19.86 -14.04 -20.64
C ASP B 139 21.26 -13.41 -20.73
N TYR B 140 21.35 -12.30 -21.46
CA TYR B 140 22.60 -11.55 -21.60
C TYR B 140 23.03 -10.96 -20.27
N GLN B 141 22.06 -10.49 -19.48
CA GLN B 141 22.32 -9.93 -18.17
C GLN B 141 23.12 -10.93 -17.32
N ALA B 142 22.76 -12.20 -17.41
CA ALA B 142 23.42 -13.27 -16.65
C ALA B 142 24.85 -13.56 -17.13
N TYR B 143 25.07 -13.46 -18.43
CA TYR B 143 26.39 -13.72 -19.02
C TYR B 143 27.34 -12.58 -18.71
N GLY B 144 26.85 -11.34 -18.85
CA GLY B 144 27.62 -10.15 -18.47
C GLY B 144 28.05 -10.20 -17.03
N ARG B 145 27.17 -10.71 -16.16
CA ARG B 145 27.49 -10.90 -14.76
C ARG B 145 28.64 -11.91 -14.58
N ASP B 146 28.52 -13.06 -15.23
CA ASP B 146 29.54 -14.11 -15.13
C ASP B 146 30.90 -13.64 -15.65
N LEU B 147 30.88 -12.73 -16.62
CA LEU B 147 32.10 -12.13 -17.13
C LEU B 147 32.72 -11.18 -16.12
N ASP B 148 31.91 -10.30 -15.56
CA ASP B 148 32.38 -9.29 -14.60
C ASP B 148 32.93 -9.93 -13.32
N LEU B 149 32.31 -11.03 -12.90
CA LEU B 149 32.77 -11.77 -11.72
C LEU B 149 34.09 -12.49 -12.01
N SER B 150 34.25 -12.98 -13.24
CA SER B 150 35.44 -13.76 -13.62
C SER B 150 36.49 -12.94 -14.38
N GLY B 151 36.44 -11.62 -14.26
CA GLY B 151 37.43 -10.74 -14.91
C GLY B 151 37.43 -9.34 -14.34
N THR B 152 37.99 -8.40 -15.09
CA THR B 152 38.04 -6.99 -14.69
C THR B 152 37.56 -6.11 -15.85
N PHE B 153 36.49 -5.36 -15.59
CA PHE B 153 35.91 -4.45 -16.59
C PHE B 153 35.78 -3.07 -15.98
N ILE B 154 36.37 -2.08 -16.63
CA ILE B 154 36.43 -0.70 -16.11
C ILE B 154 35.55 0.20 -16.96
N SER B 155 34.55 0.80 -16.33
CA SER B 155 33.59 1.67 -17.02
C SER B 155 34.15 3.06 -17.14
N THR B 156 34.06 3.65 -18.33
CA THR B 156 34.57 4.99 -18.56
C THR B 156 33.85 5.73 -19.70
N ASN B 157 34.21 6.98 -19.89
CA ASN B 157 33.59 7.84 -20.92
C ASN B 157 33.91 7.41 -22.35
N HIS B 158 35.01 6.69 -22.54
CA HIS B 158 35.37 6.13 -23.84
C HIS B 158 35.00 4.64 -23.93
N GLY B 159 33.99 4.24 -23.16
CA GLY B 159 33.51 2.85 -23.19
C GLY B 159 34.02 1.99 -22.05
N ILE B 160 33.89 0.68 -22.20
CA ILE B 160 34.33 -0.27 -21.20
C ILE B 160 35.68 -0.85 -21.58
N PHE B 161 36.62 -0.79 -20.65
CA PHE B 161 37.95 -1.35 -20.81
C PHE B 161 38.00 -2.69 -20.09
N GLU B 162 38.36 -3.74 -20.83
CA GLU B 162 38.47 -5.09 -20.28
C GLU B 162 39.93 -5.51 -20.21
N ILE B 163 40.32 -6.10 -19.07
CA ILE B 163 41.70 -6.50 -18.83
C ILE B 163 41.80 -8.02 -18.77
N VAL B 164 42.68 -8.60 -19.58
CA VAL B 164 42.83 -10.06 -19.68
C VAL B 164 43.79 -10.59 -18.62
N ASP C 3 -33.17 -23.89 4.26
CA ASP C 3 -33.69 -23.05 5.37
C ASP C 3 -35.21 -22.93 5.31
N MET C 4 -35.73 -22.58 4.14
CA MET C 4 -37.17 -22.40 3.92
C MET C 4 -37.83 -23.73 3.56
N GLN C 5 -38.96 -24.04 4.20
CA GLN C 5 -39.71 -25.25 3.86
C GLN C 5 -41.19 -25.18 4.21
N VAL C 6 -41.97 -26.02 3.54
CA VAL C 6 -43.42 -25.97 3.60
C VAL C 6 -43.98 -27.38 3.83
N TYR C 7 -44.92 -27.51 4.77
CA TYR C 7 -45.60 -28.78 5.02
C TYR C 7 -46.90 -28.83 4.24
N ILE C 8 -46.89 -29.60 3.15
CA ILE C 8 -48.03 -29.70 2.24
C ILE C 8 -48.83 -30.96 2.58
N ALA C 9 -50.12 -30.78 2.86
CA ALA C 9 -50.99 -31.90 3.23
C ALA C 9 -52.01 -32.24 2.13
N ASN C 10 -52.47 -33.48 2.14
CA ASN C 10 -53.45 -33.99 1.19
C ASN C 10 -54.86 -33.66 1.69
N LEU C 11 -55.47 -32.61 1.13
CA LEU C 11 -56.70 -32.04 1.69
C LEU C 11 -57.88 -32.99 1.60
N GLY C 12 -57.96 -33.74 0.51
CA GLY C 12 -59.01 -34.74 0.35
C GLY C 12 -58.94 -35.84 1.39
N LYS C 13 -57.73 -36.34 1.63
CA LYS C 13 -57.49 -37.35 2.66
C LYS C 13 -57.68 -36.74 4.05
N TYR C 14 -57.16 -35.53 4.24
CA TYR C 14 -57.30 -34.81 5.51
C TYR C 14 -58.75 -34.73 5.92
N ASN C 15 -59.63 -34.48 4.95
CA ASN C 15 -61.06 -34.33 5.22
C ASN C 15 -61.79 -35.64 5.55
N GLU C 16 -61.09 -36.78 5.46
CA GLU C 16 -61.67 -38.07 5.86
C GLU C 16 -61.16 -38.49 7.25
N GLY C 17 -60.56 -37.54 7.96
CA GLY C 17 -60.01 -37.78 9.29
C GLY C 17 -58.64 -38.43 9.21
N GLU C 18 -58.02 -38.34 8.04
CA GLU C 18 -56.78 -39.05 7.77
C GLU C 18 -55.65 -38.08 7.38
N LEU C 19 -54.65 -37.97 8.25
CA LEU C 19 -53.55 -37.03 8.07
C LEU C 19 -52.46 -37.65 7.18
N VAL C 20 -52.33 -37.13 5.96
CA VAL C 20 -51.26 -37.54 5.04
C VAL C 20 -50.61 -36.28 4.46
N GLY C 21 -49.30 -36.17 4.61
CA GLY C 21 -48.57 -34.98 4.12
C GLY C 21 -47.08 -35.11 4.29
N ALA C 22 -46.35 -34.03 3.97
CA ALA C 22 -44.87 -34.07 4.05
C ALA C 22 -44.24 -32.69 3.97
N TRP C 23 -42.97 -32.60 4.39
CA TRP C 23 -42.20 -31.36 4.28
C TRP C 23 -41.51 -31.27 2.93
N PHE C 24 -41.55 -30.09 2.32
CA PHE C 24 -40.85 -29.84 1.06
C PHE C 24 -39.98 -28.60 1.15
N THR C 25 -38.76 -28.70 0.59
CA THR C 25 -37.86 -27.56 0.47
C THR C 25 -37.97 -26.98 -0.93
N PHE C 26 -37.33 -25.84 -1.17
CA PHE C 26 -37.45 -25.12 -2.43
C PHE C 26 -36.32 -25.42 -3.41
N PRO C 27 -36.60 -25.31 -4.73
CA PRO C 27 -37.91 -25.04 -5.32
C PRO C 27 -38.79 -26.30 -5.29
N ILE C 28 -40.08 -26.10 -5.02
CA ILE C 28 -41.00 -27.22 -4.88
C ILE C 28 -41.32 -27.80 -6.27
N ASP C 29 -41.17 -29.11 -6.40
CA ASP C 29 -41.44 -29.84 -7.64
C ASP C 29 -42.80 -30.55 -7.54
N PHE C 30 -43.79 -30.04 -8.28
CA PHE C 30 -45.18 -30.53 -8.22
C PHE C 30 -45.33 -32.04 -8.42
N GLU C 31 -44.49 -32.61 -9.28
CA GLU C 31 -44.52 -34.05 -9.54
C GLU C 31 -44.03 -34.83 -8.31
N GLU C 32 -42.98 -34.33 -7.66
CA GLU C 32 -42.50 -34.93 -6.42
C GLU C 32 -43.56 -34.85 -5.32
N VAL C 33 -44.33 -33.77 -5.30
CA VAL C 33 -45.41 -33.62 -4.34
C VAL C 33 -46.50 -34.67 -4.58
N LYS C 34 -46.91 -34.84 -5.84
CA LYS C 34 -47.94 -35.82 -6.17
C LYS C 34 -47.58 -37.20 -5.62
N GLU C 35 -46.37 -37.66 -5.94
CA GLU C 35 -45.89 -38.98 -5.52
C GLU C 35 -45.76 -39.12 -4.01
N LYS C 36 -45.34 -38.04 -3.34
CA LYS C 36 -44.96 -38.06 -1.93
C LYS C 36 -46.16 -38.03 -0.97
N ILE C 37 -47.19 -37.25 -1.32
CA ILE C 37 -48.41 -37.19 -0.50
C ILE C 37 -49.61 -37.86 -1.18
N GLY C 38 -49.33 -38.60 -2.25
CA GLY C 38 -50.34 -39.44 -2.89
C GLY C 38 -51.48 -38.69 -3.54
N LEU C 39 -51.17 -37.62 -4.26
CA LEU C 39 -52.15 -36.96 -5.11
C LEU C 39 -52.39 -37.78 -6.36
N ASN C 40 -53.65 -37.86 -6.79
CA ASN C 40 -54.02 -38.56 -8.02
C ASN C 40 -55.30 -37.95 -8.61
N ASP C 41 -56.09 -38.74 -9.34
CA ASP C 41 -57.34 -38.24 -9.93
C ASP C 41 -58.44 -38.06 -8.89
N GLU C 42 -58.41 -38.86 -7.82
CA GLU C 42 -59.39 -38.75 -6.73
C GLU C 42 -59.03 -37.62 -5.77
N TYR C 43 -57.80 -37.65 -5.26
CA TYR C 43 -57.31 -36.66 -4.29
C TYR C 43 -56.40 -35.64 -4.96
N GLU C 44 -56.99 -34.74 -5.74
CA GLU C 44 -56.24 -33.73 -6.51
C GLU C 44 -55.77 -32.55 -5.67
N GLU C 45 -56.46 -32.25 -4.57
CA GLU C 45 -56.26 -31.02 -3.80
C GLU C 45 -55.26 -31.15 -2.65
N TYR C 46 -54.63 -30.02 -2.33
CA TYR C 46 -53.65 -29.93 -1.25
C TYR C 46 -53.77 -28.59 -0.51
N ALA C 47 -53.27 -28.57 0.72
CA ALA C 47 -53.21 -27.35 1.53
C ALA C 47 -51.86 -27.25 2.24
N ILE C 48 -51.56 -26.05 2.73
CA ILE C 48 -50.34 -25.79 3.50
C ILE C 48 -50.69 -25.75 4.98
N HIS C 49 -50.31 -26.79 5.71
CA HIS C 49 -50.70 -26.91 7.14
C HIS C 49 -49.61 -26.49 8.13
N ASP C 50 -48.39 -26.27 7.64
CA ASP C 50 -47.32 -25.70 8.44
C ASP C 50 -46.22 -25.18 7.53
N TYR C 51 -45.41 -24.26 8.05
CA TYR C 51 -44.28 -23.74 7.29
C TYR C 51 -43.21 -23.14 8.18
N GLU C 52 -41.99 -23.14 7.66
CA GLU C 52 -40.90 -22.35 8.19
C GLU C 52 -40.49 -21.42 7.08
N LEU C 53 -40.94 -20.16 7.16
CA LEU C 53 -40.61 -19.14 6.17
C LEU C 53 -40.31 -17.82 6.87
N PRO C 54 -39.57 -16.91 6.20
CA PRO C 54 -39.38 -15.56 6.70
C PRO C 54 -40.53 -14.60 6.34
N PHE C 55 -41.73 -15.13 6.13
CA PHE C 55 -42.92 -14.33 5.87
C PHE C 55 -44.17 -15.21 6.02
N THR C 56 -45.33 -14.56 6.12
CA THR C 56 -46.59 -15.28 6.31
C THR C 56 -47.09 -15.88 4.99
N VAL C 57 -47.89 -16.93 5.10
CA VAL C 57 -48.47 -17.60 3.94
C VAL C 57 -49.79 -18.25 4.38
N ASP C 58 -50.73 -18.42 3.44
CA ASP C 58 -52.05 -18.97 3.76
C ASP C 58 -52.11 -20.48 3.59
N GLU C 59 -53.17 -21.09 4.12
CA GLU C 59 -53.44 -22.51 3.92
C GLU C 59 -53.54 -22.83 2.43
N TYR C 60 -54.12 -21.92 1.68
CA TYR C 60 -54.48 -22.18 0.28
C TYR C 60 -53.53 -21.51 -0.70
N THR C 61 -52.37 -21.08 -0.22
CA THR C 61 -51.32 -20.54 -1.08
C THR C 61 -50.81 -21.63 -2.01
N SER C 62 -50.76 -21.34 -3.31
CA SER C 62 -50.39 -22.32 -4.32
C SER C 62 -48.89 -22.62 -4.34
N ILE C 63 -48.53 -23.76 -4.92
CA ILE C 63 -47.13 -24.13 -5.10
C ILE C 63 -46.44 -23.12 -6.04
N GLY C 64 -47.18 -22.65 -7.04
CA GLY C 64 -46.72 -21.58 -7.91
C GLY C 64 -46.44 -20.28 -7.17
N GLU C 65 -47.34 -19.91 -6.26
CA GLU C 65 -47.13 -18.72 -5.43
C GLU C 65 -45.91 -18.87 -4.52
N LEU C 66 -45.77 -20.04 -3.92
CA LEU C 66 -44.65 -20.31 -3.02
C LEU C 66 -43.29 -20.22 -3.75
N ASN C 67 -43.17 -20.89 -4.89
CA ASN C 67 -41.93 -20.84 -5.67
C ASN C 67 -41.59 -19.44 -6.16
N ARG C 68 -42.61 -18.65 -6.46
CA ARG C 68 -42.40 -17.31 -6.98
C ARG C 68 -41.88 -16.36 -5.89
N LEU C 69 -42.37 -16.52 -4.67
CA LEU C 69 -41.86 -15.74 -3.53
C LEU C 69 -40.42 -16.13 -3.24
N TRP C 70 -40.13 -17.42 -3.32
CA TRP C 70 -38.77 -17.93 -3.20
C TRP C 70 -37.82 -17.33 -4.26
N GLU C 71 -38.26 -17.30 -5.51
CA GLU C 71 -37.48 -16.65 -6.57
C GLU C 71 -37.17 -15.20 -6.21
N MET C 72 -38.16 -14.49 -5.70
CA MET C 72 -37.99 -13.10 -5.33
C MET C 72 -36.95 -12.95 -4.23
N VAL C 73 -37.06 -13.78 -3.20
CA VAL C 73 -36.09 -13.77 -2.11
C VAL C 73 -34.70 -14.14 -2.64
N SER C 74 -34.63 -15.13 -3.54
CA SER C 74 -33.35 -15.58 -4.10
C SER C 74 -32.66 -14.56 -5.00
N GLU C 75 -33.41 -13.62 -5.56
CA GLU C 75 -32.83 -12.57 -6.41
C GLU C 75 -32.16 -11.49 -5.58
N LEU C 76 -32.64 -11.27 -4.35
CA LEU C 76 -32.15 -10.18 -3.51
C LEU C 76 -30.67 -10.36 -3.15
N PRO C 77 -29.96 -9.24 -2.91
CA PRO C 77 -28.61 -9.30 -2.34
C PRO C 77 -28.57 -10.13 -1.06
N GLU C 78 -27.49 -10.90 -0.90
CA GLU C 78 -27.35 -11.79 0.25
C GLU C 78 -27.75 -11.09 1.56
N GLU C 79 -27.19 -9.91 1.79
CA GLU C 79 -27.44 -9.20 3.05
C GLU C 79 -28.91 -8.88 3.27
N LEU C 80 -29.65 -8.59 2.18
CA LEU C 80 -31.09 -8.35 2.29
C LEU C 80 -31.84 -9.64 2.67
N GLN C 81 -31.41 -10.76 2.10
CA GLN C 81 -32.02 -12.05 2.42
C GLN C 81 -31.91 -12.41 3.91
N SER C 82 -30.78 -12.07 4.52
CA SER C 82 -30.56 -12.36 5.93
C SER C 82 -31.17 -11.32 6.87
N GLU C 83 -31.87 -10.32 6.34
CA GLU C 83 -32.54 -9.31 7.16
C GLU C 83 -33.98 -9.06 6.71
N LEU C 84 -34.67 -10.12 6.30
CA LEU C 84 -36.03 -10.00 5.78
C LEU C 84 -37.01 -9.53 6.86
N SER C 85 -36.88 -10.10 8.05
CA SER C 85 -37.72 -9.71 9.18
C SER C 85 -37.70 -8.18 9.40
N ALA C 86 -36.50 -7.61 9.41
CA ALA C 86 -36.33 -6.17 9.61
C ALA C 86 -36.93 -5.38 8.45
N LEU C 87 -36.72 -5.86 7.23
CA LEU C 87 -37.23 -5.16 6.04
C LEU C 87 -38.76 -5.17 5.98
N LEU C 88 -39.36 -6.28 6.37
CA LEU C 88 -40.82 -6.44 6.35
C LEU C 88 -41.53 -5.65 7.45
N THR C 89 -40.75 -5.05 8.36
CA THR C 89 -41.26 -4.03 9.27
C THR C 89 -41.61 -2.77 8.49
N HIS C 90 -40.87 -2.53 7.41
CA HIS C 90 -40.97 -1.31 6.62
C HIS C 90 -41.80 -1.53 5.35
N PHE C 91 -41.39 -2.49 4.53
CA PHE C 91 -42.18 -2.88 3.36
C PHE C 91 -43.32 -3.78 3.81
N SER C 92 -44.40 -3.80 3.03
CA SER C 92 -45.60 -4.54 3.42
C SER C 92 -45.63 -5.98 2.92
N SER C 93 -44.69 -6.34 2.04
CA SER C 93 -44.63 -7.69 1.46
C SER C 93 -43.30 -7.94 0.76
N ILE C 94 -43.03 -9.21 0.46
CA ILE C 94 -41.87 -9.59 -0.35
C ILE C 94 -41.98 -8.98 -1.75
N GLU C 95 -43.21 -8.94 -2.28
CA GLU C 95 -43.48 -8.34 -3.60
C GLU C 95 -43.03 -6.89 -3.66
N GLU C 96 -43.34 -6.12 -2.62
CA GLU C 96 -42.98 -4.70 -2.59
C GLU C 96 -41.48 -4.52 -2.42
N LEU C 97 -40.89 -5.31 -1.52
CA LEU C 97 -39.45 -5.32 -1.32
C LEU C 97 -38.71 -5.62 -2.62
N SER C 98 -39.22 -6.59 -3.37
CA SER C 98 -38.65 -6.99 -4.66
C SER C 98 -38.68 -5.84 -5.65
N GLU C 99 -39.83 -5.17 -5.75
CA GLU C 99 -40.00 -4.02 -6.65
C GLU C 99 -39.11 -2.81 -6.27
N HIS C 100 -38.84 -2.65 -4.98
CA HIS C 100 -38.12 -1.48 -4.48
C HIS C 100 -36.65 -1.72 -4.14
N GLN C 101 -36.12 -2.90 -4.47
CA GLN C 101 -34.77 -3.27 -4.06
C GLN C 101 -33.66 -2.39 -4.65
N GLU C 102 -33.88 -1.86 -5.86
CA GLU C 102 -32.91 -0.97 -6.48
C GLU C 102 -32.78 0.37 -5.72
N ASP C 103 -33.77 0.70 -4.89
CA ASP C 103 -33.72 1.91 -4.08
C ASP C 103 -33.07 1.72 -2.71
N ILE C 104 -32.67 0.49 -2.39
CA ILE C 104 -32.08 0.17 -1.09
C ILE C 104 -30.56 0.25 -1.14
N ILE C 105 -29.97 1.14 -0.33
CA ILE C 105 -28.51 1.26 -0.23
C ILE C 105 -28.02 0.50 0.99
N ILE C 106 -27.08 -0.42 0.79
CA ILE C 106 -26.54 -1.23 1.88
C ILE C 106 -25.20 -0.69 2.37
N HIS C 107 -25.21 -0.04 3.53
CA HIS C 107 -23.99 0.41 4.19
C HIS C 107 -23.45 -0.71 5.10
N SER C 108 -22.95 -1.77 4.46
CA SER C 108 -22.56 -3.00 5.16
C SER C 108 -21.42 -2.81 6.17
N ASP C 109 -20.54 -1.84 5.93
CA ASP C 109 -19.44 -1.53 6.85
C ASP C 109 -19.77 -0.38 7.82
N CYS C 110 -21.05 -0.11 8.03
CA CYS C 110 -21.51 0.91 8.99
C CYS C 110 -22.33 0.26 10.10
N ASP C 111 -21.94 0.53 11.35
CA ASP C 111 -22.64 -0.01 12.50
C ASP C 111 -23.73 0.93 13.04
N ASP C 112 -23.60 2.23 12.79
CA ASP C 112 -24.59 3.21 13.25
C ASP C 112 -24.56 4.48 12.39
N MET C 113 -25.48 5.41 12.67
CA MET C 113 -25.61 6.60 11.82
C MET C 113 -24.38 7.51 11.85
N TYR C 114 -23.60 7.42 12.93
CA TYR C 114 -22.29 8.09 12.99
C TYR C 114 -21.40 7.63 11.85
N ASP C 115 -21.33 6.31 11.62
CA ASP C 115 -20.53 5.77 10.53
C ASP C 115 -21.05 6.21 9.17
N VAL C 116 -22.37 6.22 9.01
CA VAL C 116 -22.99 6.66 7.77
C VAL C 116 -22.69 8.13 7.52
N ALA C 117 -22.77 8.92 8.58
CA ALA C 117 -22.50 10.36 8.52
C ALA C 117 -21.07 10.63 8.07
N ARG C 118 -20.13 9.90 8.66
CA ARG C 118 -18.73 10.03 8.29
C ARG C 118 -18.49 9.57 6.83
N TYR C 119 -19.14 8.49 6.44
CA TYR C 119 -19.05 8.02 5.05
C TYR C 119 -19.46 9.15 4.09
N TYR C 120 -20.65 9.71 4.29
CA TYR C 120 -21.15 10.73 3.38
C TYR C 120 -20.30 12.00 3.36
N ILE C 121 -19.91 12.49 4.54
CA ILE C 121 -19.14 13.72 4.64
C ILE C 121 -17.68 13.55 4.22
N GLU C 122 -17.01 12.56 4.79
CA GLU C 122 -15.57 12.37 4.59
C GLU C 122 -15.26 11.64 3.29
N GLU C 123 -15.89 10.48 3.07
CA GLU C 123 -15.57 9.66 1.90
C GLU C 123 -16.24 10.13 0.61
N THR C 124 -17.41 10.76 0.74
CA THR C 124 -18.26 11.10 -0.40
C THR C 124 -18.30 12.59 -0.74
N GLY C 125 -18.16 13.45 0.26
CA GLY C 125 -18.24 14.90 0.06
C GLY C 125 -19.66 15.40 -0.10
N ALA C 126 -20.59 14.83 0.66
CA ALA C 126 -22.00 15.21 0.63
C ALA C 126 -22.22 16.68 0.96
N LEU C 127 -21.52 17.18 1.98
CA LEU C 127 -21.63 18.58 2.39
C LEU C 127 -20.49 19.46 1.86
N GLY C 128 -19.79 18.96 0.83
CA GLY C 128 -18.64 19.69 0.26
C GLY C 128 -17.29 19.15 0.70
N GLU C 129 -16.23 19.72 0.17
CA GLU C 129 -14.88 19.24 0.45
C GLU C 129 -14.44 19.60 1.85
N VAL C 130 -14.01 18.58 2.59
CA VAL C 130 -13.53 18.74 3.96
C VAL C 130 -12.00 18.95 3.99
N PRO C 131 -11.53 20.00 4.68
CA PRO C 131 -10.08 20.19 4.84
C PRO C 131 -9.47 19.12 5.74
N ALA C 132 -8.22 18.74 5.47
CA ALA C 132 -7.56 17.67 6.23
C ALA C 132 -7.69 17.84 7.73
N SER C 133 -7.37 19.04 8.22
CA SER C 133 -7.25 19.29 9.66
C SER C 133 -8.61 19.47 10.36
N LEU C 134 -9.69 19.51 9.59
CA LEU C 134 -11.05 19.50 10.15
C LEU C 134 -11.68 18.11 10.22
N GLN C 135 -11.09 17.12 9.56
CA GLN C 135 -11.69 15.77 9.45
C GLN C 135 -12.12 15.19 10.80
N ASN C 136 -11.38 15.51 11.86
CA ASN C 136 -11.73 15.06 13.21
C ASN C 136 -12.21 16.19 14.13
N TYR C 137 -12.86 17.20 13.53
CA TYR C 137 -13.58 18.22 14.29
C TYR C 137 -15.02 18.38 13.79
N ILE C 138 -15.51 17.37 13.08
CA ILE C 138 -16.87 17.40 12.54
C ILE C 138 -17.80 16.54 13.39
N ASP C 139 -18.92 17.12 13.78
CA ASP C 139 -19.90 16.45 14.62
C ASP C 139 -20.73 15.46 13.78
N TYR C 140 -20.15 14.30 13.51
CA TYR C 140 -20.81 13.29 12.68
C TYR C 140 -22.08 12.73 13.33
N GLN C 141 -22.07 12.60 14.65
CA GLN C 141 -23.25 12.14 15.42
C GLN C 141 -24.45 13.04 15.14
N ALA C 142 -24.23 14.35 15.00
CA ALA C 142 -25.30 15.30 14.71
C ALA C 142 -25.87 15.10 13.31
N TYR C 143 -24.99 14.96 12.32
CA TYR C 143 -25.41 14.75 10.93
C TYR C 143 -26.11 13.40 10.78
N GLY C 144 -25.54 12.36 11.38
CA GLY C 144 -26.18 11.04 11.40
C GLY C 144 -27.59 11.13 11.95
N ARG C 145 -27.75 11.89 13.01
CA ARG C 145 -29.05 12.08 13.65
C ARG C 145 -30.00 12.85 12.74
N ASP C 146 -29.48 13.90 12.10
CA ASP C 146 -30.27 14.71 11.19
C ASP C 146 -30.69 13.87 9.97
N LEU C 147 -29.80 12.99 9.51
CA LEU C 147 -30.16 12.04 8.45
C LEU C 147 -31.24 11.07 8.93
N ASP C 148 -31.09 10.55 10.14
CA ASP C 148 -32.03 9.57 10.69
C ASP C 148 -33.40 10.17 10.97
N LEU C 149 -33.43 11.45 11.36
CA LEU C 149 -34.70 12.15 11.62
C LEU C 149 -35.51 12.45 10.36
N SER C 150 -34.83 12.53 9.20
CA SER C 150 -35.45 12.96 7.95
C SER C 150 -35.56 11.84 6.93
N GLY C 151 -34.48 11.08 6.75
CA GLY C 151 -34.48 9.96 5.81
C GLY C 151 -35.04 8.68 6.41
N THR C 152 -34.83 7.58 5.70
CA THR C 152 -35.24 6.25 6.16
C THR C 152 -34.02 5.35 6.24
N PHE C 153 -33.53 5.13 7.46
CA PHE C 153 -32.38 4.27 7.70
C PHE C 153 -32.76 3.15 8.66
N ILE C 154 -32.59 1.91 8.22
CA ILE C 154 -32.89 0.74 9.04
C ILE C 154 -31.57 0.17 9.55
N SER C 155 -31.53 -0.16 10.84
CA SER C 155 -30.32 -0.67 11.46
C SER C 155 -30.39 -2.20 11.63
N THR C 156 -29.42 -2.92 11.06
CA THR C 156 -29.38 -4.38 11.18
C THR C 156 -28.00 -4.93 11.51
N ASN C 157 -27.95 -6.24 11.78
CA ASN C 157 -26.69 -6.95 12.01
C ASN C 157 -25.75 -6.96 10.81
N HIS C 158 -26.31 -6.85 9.60
CA HIS C 158 -25.50 -6.83 8.38
C HIS C 158 -25.29 -5.42 7.84
N GLY C 159 -25.48 -4.42 8.71
CA GLY C 159 -25.23 -3.02 8.37
C GLY C 159 -26.48 -2.17 8.41
N ILE C 160 -26.33 -0.90 8.04
CA ILE C 160 -27.44 0.03 7.97
C ILE C 160 -27.98 0.10 6.54
N PHE C 161 -29.28 -0.08 6.38
CA PHE C 161 -29.93 -0.02 5.08
C PHE C 161 -30.58 1.34 4.92
N GLU C 162 -30.28 2.03 3.82
CA GLU C 162 -30.89 3.32 3.51
C GLU C 162 -31.90 3.13 2.38
N ILE C 163 -33.12 3.62 2.55
CA ILE C 163 -34.12 3.60 1.48
C ILE C 163 -34.24 5.02 0.94
N VAL C 164 -33.93 5.19 -0.34
CA VAL C 164 -33.98 6.50 -1.00
C VAL C 164 -35.15 6.57 -1.96
N TYR C 165 -35.61 7.77 -2.30
CA TYR C 165 -36.66 7.92 -3.31
C TYR C 165 -36.08 7.63 -4.69
N ASP D 3 -1.65 59.15 34.73
CA ASP D 3 -2.19 57.87 35.25
C ASP D 3 -1.23 57.21 36.27
N MET D 4 -0.04 56.86 35.82
CA MET D 4 0.93 56.15 36.66
C MET D 4 1.53 57.04 37.74
N GLN D 5 1.62 56.53 38.97
CA GLN D 5 2.31 57.24 40.06
C GLN D 5 2.79 56.30 41.18
N VAL D 6 3.83 56.73 41.91
CA VAL D 6 4.41 55.96 43.02
C VAL D 6 4.51 56.78 44.31
N TYR D 7 4.43 56.10 45.46
CA TYR D 7 4.57 56.74 46.77
C TYR D 7 5.93 56.40 47.37
N ILE D 8 6.85 57.36 47.35
CA ILE D 8 8.20 57.16 47.87
C ILE D 8 8.33 57.75 49.27
N ALA D 9 8.80 56.93 50.21
CA ALA D 9 8.98 57.33 51.59
C ALA D 9 10.46 57.47 51.93
N ASN D 10 10.77 58.38 52.85
CA ASN D 10 12.11 58.52 53.39
C ASN D 10 12.22 57.60 54.59
N LEU D 11 13.19 56.70 54.57
CA LEU D 11 13.32 55.71 55.64
C LEU D 11 13.91 56.28 56.93
N GLY D 12 14.50 57.48 56.84
CA GLY D 12 15.14 58.14 57.98
C GLY D 12 14.36 59.27 58.63
N LYS D 13 13.51 59.96 57.86
CA LYS D 13 12.69 61.07 58.37
C LYS D 13 11.28 60.61 58.76
N TYR D 14 10.81 61.11 59.90
CA TYR D 14 9.48 60.82 60.42
C TYR D 14 8.67 62.09 60.61
N ASN D 15 7.36 61.97 60.51
CA ASN D 15 6.46 63.04 60.91
C ASN D 15 5.12 62.45 61.33
N GLU D 16 4.62 62.92 62.47
CA GLU D 16 3.32 62.47 63.00
C GLU D 16 3.29 60.94 63.14
N GLY D 17 4.41 60.37 63.60
CA GLY D 17 4.51 58.94 63.86
C GLY D 17 4.51 58.03 62.64
N GLU D 18 4.83 58.59 61.47
CA GLU D 18 4.94 57.80 60.24
C GLU D 18 6.09 58.32 59.38
N LEU D 19 6.61 57.45 58.52
CA LEU D 19 7.70 57.83 57.62
C LEU D 19 7.23 58.95 56.71
N VAL D 20 8.10 59.92 56.46
CA VAL D 20 7.79 61.03 55.57
C VAL D 20 7.79 60.52 54.14
N GLY D 21 6.68 60.72 53.43
CA GLY D 21 6.54 60.28 52.04
C GLY D 21 5.61 61.14 51.21
N ALA D 22 5.52 60.83 49.92
CA ALA D 22 4.66 61.57 49.00
C ALA D 22 4.54 60.84 47.66
N TRP D 23 3.49 61.17 46.91
CA TRP D 23 3.25 60.58 45.60
C TRP D 23 3.98 61.36 44.50
N PHE D 24 4.34 60.66 43.42
CA PHE D 24 5.04 61.28 42.30
C PHE D 24 4.54 60.74 40.97
N THR D 25 4.28 61.65 40.03
CA THR D 25 3.93 61.28 38.67
C THR D 25 5.20 61.17 37.82
N PHE D 26 5.07 60.48 36.69
CA PHE D 26 6.20 60.26 35.79
C PHE D 26 6.31 61.36 34.75
N PRO D 27 7.52 61.62 34.25
CA PRO D 27 8.78 61.02 34.70
C PRO D 27 9.20 61.59 36.05
N ILE D 28 9.62 60.73 36.96
CA ILE D 28 9.94 61.14 38.33
C ILE D 28 11.20 62.00 38.31
N ASP D 29 11.11 63.17 38.93
CA ASP D 29 12.23 64.12 38.99
C ASP D 29 13.03 63.90 40.27
N PHE D 30 14.33 63.70 40.14
CA PHE D 30 15.20 63.45 41.27
C PHE D 30 15.23 64.62 42.26
N GLU D 31 15.38 65.84 41.74
CA GLU D 31 15.44 67.03 42.58
C GLU D 31 14.11 67.30 43.30
N GLU D 32 12.99 67.00 42.64
CA GLU D 32 11.69 67.15 43.29
C GLU D 32 11.59 66.22 44.50
N VAL D 33 11.87 64.94 44.29
CA VAL D 33 11.79 63.96 45.38
C VAL D 33 12.74 64.36 46.51
N LYS D 34 13.96 64.73 46.15
CA LYS D 34 14.96 65.20 47.12
C LYS D 34 14.40 66.25 48.09
N GLU D 35 13.77 67.28 47.54
CA GLU D 35 13.23 68.36 48.38
C GLU D 35 11.91 67.99 49.07
N LYS D 36 11.09 67.15 48.45
CA LYS D 36 9.76 66.85 48.97
C LYS D 36 9.81 66.00 50.24
N ILE D 37 10.61 64.93 50.22
CA ILE D 37 10.74 64.04 51.40
C ILE D 37 12.12 64.15 52.08
N GLY D 38 12.86 65.21 51.77
CA GLY D 38 14.07 65.57 52.50
C GLY D 38 15.23 64.58 52.45
N LEU D 39 15.58 64.12 51.25
CA LEU D 39 16.73 63.24 51.08
C LEU D 39 18.03 64.05 51.14
N ASN D 40 19.14 63.35 51.34
CA ASN D 40 20.47 63.96 51.32
C ASN D 40 20.99 64.12 49.88
N ASP D 41 22.11 64.82 49.74
CA ASP D 41 22.73 65.08 48.42
C ASP D 41 22.95 63.81 47.57
N GLU D 42 23.10 62.66 48.24
CA GLU D 42 23.33 61.39 47.55
C GLU D 42 22.04 60.62 47.21
N TYR D 43 20.88 61.25 47.48
CA TYR D 43 19.57 60.65 47.21
C TYR D 43 19.40 59.31 47.94
N GLU D 44 19.90 59.23 49.17
CA GLU D 44 20.03 57.96 49.90
C GLU D 44 18.90 57.71 50.91
N GLU D 45 18.63 56.42 51.13
CA GLU D 45 17.64 55.92 52.08
C GLU D 45 16.20 56.36 51.77
N TYR D 46 15.71 55.97 50.61
CA TYR D 46 14.29 56.05 50.28
C TYR D 46 13.79 54.68 49.86
N ALA D 47 12.48 54.49 49.89
CA ALA D 47 11.87 53.24 49.50
C ALA D 47 10.45 53.47 48.99
N ILE D 48 9.95 52.51 48.22
CA ILE D 48 8.61 52.59 47.64
C ILE D 48 7.63 51.85 48.54
N HIS D 49 6.79 52.59 49.24
CA HIS D 49 5.84 52.00 50.18
C HIS D 49 4.42 51.85 49.60
N ASP D 50 4.18 52.41 48.42
CA ASP D 50 2.89 52.23 47.73
C ASP D 50 3.01 52.66 46.26
N TYR D 51 2.11 52.18 45.41
CA TYR D 51 2.11 52.54 43.99
C TYR D 51 0.80 52.26 43.25
N GLU D 52 0.58 53.02 42.18
CA GLU D 52 -0.47 52.78 41.20
C GLU D 52 0.21 52.60 39.86
N LEU D 53 0.50 51.35 39.50
CA LEU D 53 1.16 51.01 38.25
C LEU D 53 0.54 49.76 37.65
N PRO D 54 0.72 49.55 36.34
CA PRO D 54 0.25 48.30 35.72
C PRO D 54 1.15 47.08 35.94
N PHE D 55 2.19 47.21 36.77
CA PHE D 55 3.12 46.10 37.06
C PHE D 55 3.55 46.07 38.52
N THR D 56 4.12 44.95 38.95
CA THR D 56 4.66 44.79 40.30
C THR D 56 5.98 45.55 40.44
N VAL D 57 6.34 45.87 41.68
CA VAL D 57 7.59 46.58 41.95
C VAL D 57 7.96 46.37 43.43
N ASP D 58 9.27 46.30 43.70
CA ASP D 58 9.77 46.09 45.06
C ASP D 58 9.88 47.38 45.85
N GLU D 59 10.00 47.25 47.17
CA GLU D 59 10.27 48.40 48.06
C GLU D 59 11.59 49.08 47.68
N TYR D 60 12.56 48.27 47.24
CA TYR D 60 13.92 48.74 46.95
C TYR D 60 14.16 49.12 45.47
N THR D 61 13.09 49.13 44.66
CA THR D 61 13.22 49.53 43.25
C THR D 61 13.53 51.01 43.17
N SER D 62 14.57 51.36 42.42
CA SER D 62 15.06 52.73 42.37
C SER D 62 14.22 53.66 41.51
N ILE D 63 14.46 54.96 41.64
CA ILE D 63 13.83 55.95 40.77
C ILE D 63 14.27 55.75 39.31
N GLY D 64 15.55 55.46 39.13
CA GLY D 64 16.10 55.17 37.80
C GLY D 64 15.43 53.98 37.12
N GLU D 65 15.20 52.91 37.87
CA GLU D 65 14.47 51.74 37.37
C GLU D 65 13.07 52.13 36.92
N LEU D 66 12.36 52.87 37.76
CA LEU D 66 10.98 53.25 37.47
C LEU D 66 10.88 54.12 36.21
N ASN D 67 11.76 55.10 36.08
CA ASN D 67 11.78 55.98 34.91
C ASN D 67 12.09 55.20 33.63
N ARG D 68 12.92 54.18 33.76
CA ARG D 68 13.26 53.31 32.63
C ARG D 68 12.10 52.40 32.24
N LEU D 69 11.40 51.84 33.24
CA LEU D 69 10.20 51.05 32.99
C LEU D 69 9.12 51.93 32.36
N TRP D 70 9.03 53.18 32.83
CA TRP D 70 8.05 54.12 32.28
C TRP D 70 8.31 54.41 30.80
N GLU D 71 9.57 54.65 30.45
CA GLU D 71 9.95 54.90 29.07
C GLU D 71 9.58 53.75 28.15
N MET D 72 9.85 52.53 28.59
CA MET D 72 9.57 51.34 27.80
C MET D 72 8.08 51.21 27.54
N VAL D 73 7.27 51.50 28.57
CA VAL D 73 5.81 51.43 28.46
C VAL D 73 5.29 52.46 27.47
N SER D 74 5.80 53.68 27.55
CA SER D 74 5.36 54.77 26.67
C SER D 74 5.62 54.51 25.18
N GLU D 75 6.60 53.65 24.87
CA GLU D 75 6.95 53.32 23.49
C GLU D 75 6.08 52.22 22.89
N LEU D 76 5.32 51.50 23.73
CA LEU D 76 4.40 50.47 23.25
C LEU D 76 3.17 51.11 22.59
N PRO D 77 2.49 50.37 21.69
CA PRO D 77 1.27 50.90 21.09
C PRO D 77 0.16 51.05 22.13
N GLU D 78 -0.78 51.96 21.87
CA GLU D 78 -1.83 52.29 22.84
C GLU D 78 -2.57 51.03 23.31
N GLU D 79 -2.90 50.15 22.36
CA GLU D 79 -3.68 48.94 22.66
C GLU D 79 -2.96 47.91 23.53
N LEU D 80 -1.63 47.92 23.54
CA LEU D 80 -0.86 47.04 24.41
C LEU D 80 -0.63 47.68 25.78
N GLN D 81 -0.49 49.01 25.82
CA GLN D 81 -0.39 49.75 27.08
C GLN D 81 -1.63 49.58 27.94
N SER D 82 -2.81 49.70 27.32
CA SER D 82 -4.07 49.66 28.06
C SER D 82 -4.42 48.27 28.64
N GLU D 83 -3.73 47.21 28.22
CA GLU D 83 -3.88 45.90 28.85
C GLU D 83 -2.52 45.31 29.25
N LEU D 84 -1.60 46.16 29.67
CA LEU D 84 -0.23 45.76 30.00
C LEU D 84 -0.20 44.74 31.13
N SER D 85 -1.03 44.96 32.14
CA SER D 85 -1.09 44.08 33.30
C SER D 85 -1.48 42.65 32.94
N ALA D 86 -2.44 42.50 32.03
CA ALA D 86 -2.90 41.18 31.59
C ALA D 86 -1.84 40.48 30.75
N LEU D 87 -1.09 41.25 29.97
CA LEU D 87 0.00 40.72 29.14
C LEU D 87 1.19 40.25 29.99
N LEU D 88 1.52 40.97 31.05
CA LEU D 88 2.66 40.64 31.91
C LEU D 88 2.46 39.38 32.77
N THR D 89 1.29 38.75 32.67
CA THR D 89 1.08 37.42 33.22
C THR D 89 1.88 36.37 32.45
N HIS D 90 1.89 36.47 31.12
CA HIS D 90 2.65 35.57 30.26
C HIS D 90 4.11 36.00 30.21
N PHE D 91 4.35 37.27 29.85
CA PHE D 91 5.70 37.78 29.67
C PHE D 91 6.43 37.99 30.99
N SER D 92 7.73 37.73 30.98
CA SER D 92 8.56 37.81 32.17
C SER D 92 8.98 39.25 32.50
N SER D 93 8.86 40.16 31.54
CA SER D 93 9.22 41.55 31.75
C SER D 93 8.60 42.45 30.69
N ILE D 94 8.72 43.76 30.90
CA ILE D 94 8.25 44.74 29.93
C ILE D 94 9.14 44.70 28.70
N GLU D 95 10.41 44.36 28.91
CA GLU D 95 11.39 44.23 27.84
C GLU D 95 10.99 43.13 26.87
N GLU D 96 10.68 41.95 27.42
CA GLU D 96 10.28 40.82 26.59
C GLU D 96 9.00 41.13 25.81
N LEU D 97 8.06 41.80 26.46
CA LEU D 97 6.83 42.26 25.81
C LEU D 97 7.15 43.13 24.59
N SER D 98 8.09 44.07 24.74
CA SER D 98 8.51 44.94 23.64
C SER D 98 9.15 44.14 22.50
N GLU D 99 9.99 43.18 22.86
CA GLU D 99 10.66 42.31 21.88
C GLU D 99 9.67 41.46 21.08
N HIS D 100 8.50 41.18 21.66
CA HIS D 100 7.50 40.33 21.00
C HIS D 100 6.20 41.05 20.65
N GLN D 101 6.21 42.39 20.70
CA GLN D 101 5.01 43.20 20.45
C GLN D 101 4.42 42.98 19.05
N GLU D 102 5.26 42.66 18.08
CA GLU D 102 4.77 42.37 16.72
C GLU D 102 4.15 40.97 16.59
N ASP D 103 4.18 40.18 17.67
CA ASP D 103 3.58 38.84 17.69
C ASP D 103 2.30 38.75 18.52
N ILE D 104 1.76 39.90 18.93
CA ILE D 104 0.49 39.92 19.68
C ILE D 104 -0.67 40.25 18.75
N ILE D 105 -1.66 39.36 18.68
CA ILE D 105 -2.89 39.55 17.89
C ILE D 105 -4.04 39.86 18.84
N ILE D 106 -4.75 40.96 18.59
CA ILE D 106 -5.91 41.33 19.42
C ILE D 106 -7.22 40.97 18.70
N HIS D 107 -7.81 39.83 19.09
CA HIS D 107 -9.12 39.41 18.60
C HIS D 107 -10.21 40.28 19.26
N SER D 108 -10.46 41.45 18.68
CA SER D 108 -11.17 42.55 19.37
C SER D 108 -12.62 42.27 19.78
N ASP D 109 -13.34 41.42 19.04
CA ASP D 109 -14.75 41.17 19.30
C ASP D 109 -15.08 39.70 19.58
N CYS D 110 -14.15 38.99 20.23
CA CYS D 110 -14.37 37.61 20.63
C CYS D 110 -14.61 37.52 22.13
N ASP D 111 -15.75 36.96 22.50
CA ASP D 111 -16.10 36.73 23.91
C ASP D 111 -15.29 35.58 24.51
N ASP D 112 -15.12 34.52 23.72
CA ASP D 112 -14.51 33.27 24.20
C ASP D 112 -13.76 32.56 23.07
N MET D 113 -13.16 31.41 23.38
CA MET D 113 -12.41 30.64 22.39
C MET D 113 -13.28 30.10 21.25
N TYR D 114 -14.55 29.81 21.54
CA TYR D 114 -15.50 29.46 20.48
C TYR D 114 -15.50 30.55 19.39
N ASP D 115 -15.71 31.80 19.82
CA ASP D 115 -15.65 32.94 18.91
C ASP D 115 -14.33 33.00 18.15
N VAL D 116 -13.23 32.74 18.85
CA VAL D 116 -11.90 32.78 18.22
C VAL D 116 -11.76 31.73 17.12
N ALA D 117 -12.16 30.49 17.44
CA ALA D 117 -12.08 29.37 16.50
C ALA D 117 -12.93 29.59 15.25
N ARG D 118 -14.14 30.11 15.45
CA ARG D 118 -15.07 30.35 14.35
C ARG D 118 -14.57 31.45 13.43
N TYR D 119 -14.08 32.54 14.01
CA TYR D 119 -13.51 33.64 13.24
C TYR D 119 -12.30 33.18 12.43
N TYR D 120 -11.44 32.40 13.06
CA TYR D 120 -10.26 31.81 12.42
C TYR D 120 -10.63 31.00 11.17
N ILE D 121 -11.68 30.19 11.29
CA ILE D 121 -12.10 29.29 10.21
C ILE D 121 -12.96 30.00 9.18
N GLU D 122 -13.96 30.77 9.64
CA GLU D 122 -14.96 31.34 8.74
C GLU D 122 -14.54 32.67 8.12
N GLU D 123 -13.77 33.48 8.85
CA GLU D 123 -13.47 34.84 8.41
C GLU D 123 -12.01 35.05 7.99
N THR D 124 -11.07 34.38 8.65
CA THR D 124 -9.68 34.38 8.23
C THR D 124 -9.43 33.31 7.17
N GLY D 125 -10.24 32.26 7.18
CA GLY D 125 -10.11 31.17 6.22
C GLY D 125 -8.74 30.52 6.32
N ALA D 126 -8.36 30.15 7.54
CA ALA D 126 -7.06 29.55 7.80
C ALA D 126 -6.99 28.16 7.16
N LEU D 127 -8.10 27.44 7.20
CA LEU D 127 -8.16 26.08 6.68
C LEU D 127 -8.76 26.02 5.27
N GLY D 128 -8.68 27.14 4.54
CA GLY D 128 -9.32 27.27 3.24
C GLY D 128 -10.82 27.53 3.35
N GLU D 129 -11.53 27.34 2.23
CA GLU D 129 -12.98 27.54 2.21
C GLU D 129 -13.70 26.39 2.90
N VAL D 130 -14.64 26.74 3.77
CA VAL D 130 -15.60 25.76 4.30
C VAL D 130 -17.01 26.18 3.88
N PRO D 131 -17.73 25.30 3.18
CA PRO D 131 -19.07 25.65 2.72
C PRO D 131 -20.06 25.74 3.89
N ALA D 132 -21.18 26.43 3.68
CA ALA D 132 -22.17 26.65 4.74
C ALA D 132 -22.71 25.34 5.31
N SER D 133 -22.92 24.35 4.44
CA SER D 133 -23.51 23.07 4.84
C SER D 133 -22.60 22.29 5.80
N LEU D 134 -21.29 22.43 5.67
CA LEU D 134 -20.36 21.77 6.58
C LEU D 134 -20.26 22.54 7.90
N GLN D 135 -20.31 23.86 7.83
CA GLN D 135 -20.18 24.73 9.00
C GLN D 135 -21.15 24.40 10.12
N ASN D 136 -22.36 23.98 9.77
CA ASN D 136 -23.36 23.58 10.76
C ASN D 136 -22.91 22.44 11.66
N TYR D 137 -21.98 21.63 11.16
CA TYR D 137 -21.50 20.46 11.90
C TYR D 137 -20.04 20.57 12.35
N ILE D 138 -19.39 21.71 12.09
CA ILE D 138 -18.04 21.94 12.63
C ILE D 138 -18.14 22.31 14.11
N ASP D 139 -17.39 21.59 14.93
CA ASP D 139 -17.44 21.74 16.38
C ASP D 139 -16.40 22.77 16.82
N TYR D 140 -16.77 24.05 16.72
CA TYR D 140 -15.84 25.15 17.00
C TYR D 140 -15.40 25.17 18.47
N GLN D 141 -16.25 24.68 19.37
CA GLN D 141 -15.87 24.61 20.78
C GLN D 141 -14.62 23.75 20.97
N ALA D 142 -14.60 22.58 20.33
CA ALA D 142 -13.44 21.68 20.39
C ALA D 142 -12.19 22.30 19.75
N TYR D 143 -12.35 22.96 18.61
CA TYR D 143 -11.22 23.59 17.95
C TYR D 143 -10.66 24.71 18.82
N GLY D 144 -11.56 25.55 19.33
CA GLY D 144 -11.18 26.61 20.26
C GLY D 144 -10.50 26.08 21.51
N ARG D 145 -10.99 24.95 22.02
CA ARG D 145 -10.36 24.30 23.17
C ARG D 145 -8.93 23.89 22.82
N ASP D 146 -8.73 23.29 21.66
CA ASP D 146 -7.41 22.82 21.24
C ASP D 146 -6.44 23.96 20.88
N LEU D 147 -6.96 25.10 20.46
CA LEU D 147 -6.13 26.29 20.26
C LEU D 147 -5.58 26.81 21.58
N ASP D 148 -6.43 26.81 22.61
CA ASP D 148 -6.04 27.33 23.91
C ASP D 148 -5.00 26.41 24.59
N LEU D 149 -5.07 25.11 24.31
CA LEU D 149 -4.13 24.16 24.89
C LEU D 149 -2.78 24.23 24.18
N SER D 150 -2.80 24.50 22.88
CA SER D 150 -1.57 24.54 22.09
C SER D 150 -0.93 25.93 22.03
N GLY D 151 -1.63 26.93 22.57
CA GLY D 151 -1.14 28.32 22.51
C GLY D 151 -1.44 29.12 23.76
N THR D 152 -1.48 30.44 23.61
CA THR D 152 -1.69 31.33 24.74
C THR D 152 -2.68 32.41 24.36
N PHE D 153 -3.80 32.43 25.07
CA PHE D 153 -4.82 33.44 24.85
C PHE D 153 -5.17 34.09 26.17
N ILE D 154 -5.26 35.41 26.16
CA ILE D 154 -5.48 36.19 27.37
C ILE D 154 -6.79 36.97 27.26
N SER D 155 -7.76 36.59 28.09
CA SER D 155 -9.01 37.32 28.22
C SER D 155 -8.74 38.71 28.80
N THR D 156 -9.24 39.74 28.13
CA THR D 156 -9.16 41.10 28.64
C THR D 156 -10.44 41.86 28.34
N ASN D 157 -10.58 43.04 28.95
CA ASN D 157 -11.70 43.94 28.68
C ASN D 157 -11.66 44.54 27.28
N HIS D 158 -10.51 44.45 26.60
CA HIS D 158 -10.39 44.83 25.19
C HIS D 158 -10.31 43.60 24.28
N GLY D 159 -10.89 42.48 24.73
CA GLY D 159 -10.96 41.27 23.91
C GLY D 159 -9.92 40.23 24.26
N ILE D 160 -9.78 39.24 23.39
CA ILE D 160 -8.86 38.12 23.64
C ILE D 160 -7.55 38.39 22.91
N PHE D 161 -6.48 38.53 23.67
CA PHE D 161 -5.14 38.75 23.13
C PHE D 161 -4.48 37.39 22.90
N GLU D 162 -3.92 37.19 21.72
CA GLU D 162 -3.21 35.95 21.40
C GLU D 162 -1.73 36.25 21.24
N ILE D 163 -0.89 35.40 21.83
CA ILE D 163 0.56 35.53 21.71
C ILE D 163 1.11 34.36 20.91
N VAL D 164 1.86 34.67 19.84
CA VAL D 164 2.47 33.67 18.97
C VAL D 164 3.98 33.88 18.92
#